data_3BJE
#
_entry.id   3BJE
#
_cell.length_a   63.015
_cell.length_b   95.387
_cell.length_c   63.483
_cell.angle_alpha   90.000
_cell.angle_beta   105.910
_cell.angle_gamma   90.000
#
_symmetry.space_group_name_H-M   'P 1 21 1'
#
loop_
_entity.id
_entity.type
_entity.pdbx_description
1 polymer 'Nucleoside phosphorylase, putative'
2 non-polymer 1-O-phosphono-alpha-D-ribofuranose
3 non-polymer URACIL
4 non-polymer 'CALCIUM ION'
5 water water
#
_entity_poly.entity_id   1
_entity_poly.type   'polypeptide(L)'
_entity_poly.pdbx_seq_one_letter_code
;MAHHHHHHMAASANGSTKGSETDLPIGKDGTTLHLKCKSDELADRIIFVGDPGRVDVISGYFDKDSIRASRDHREIRFAT
GTYKGTPVTVISTGMGVDNIEIVLNEIHALKEYDMERGQWRHRKGDADAPSAGPFFDPSTMKIIRLGTCGSPAESVPPLA
LAVTRHAIGMDNTSLYYSAGTRETSKDQQEIRRIVREQTGLRAIDIYTSMAHPNITKSICAACDAHNAATGSEADKQQYV
IGTTATASGFYGCQGRRVGRFMKHLTVPNMVEELGSLKFNLSNGVEVVTNIEMETSAICYLSDMLGYQAGAACVVVSKRV
GEKKMFLGDQLDAAMKRCIKIILEALVSA
;
_entity_poly.pdbx_strand_id   A,B
#
loop_
_chem_comp.id
_chem_comp.type
_chem_comp.name
_chem_comp.formula
CA non-polymer 'CALCIUM ION' 'Ca 2'
R1P D-saccharide, alpha linking 1-O-phosphono-alpha-D-ribofuranose 'C5 H11 O8 P'
URA non-polymer URACIL 'C4 H4 N2 O2'
#
# COMPACT_ATOMS: atom_id res chain seq x y z
N ASP A 23 -9.60 0.04 18.17
CA ASP A 23 -8.90 1.27 17.66
C ASP A 23 -7.40 1.05 17.56
N LEU A 24 -6.82 0.44 18.56
CA LEU A 24 -5.38 0.23 18.58
C LEU A 24 -5.09 -1.12 19.23
N PRO A 25 -5.17 -2.20 18.43
CA PRO A 25 -4.96 -3.56 18.96
C PRO A 25 -3.54 -3.78 19.48
N ILE A 26 -3.42 -4.15 20.75
CA ILE A 26 -2.12 -4.46 21.36
C ILE A 26 -2.13 -5.89 21.86
N GLY A 27 -1.11 -6.65 21.49
CA GLY A 27 -1.01 -8.05 21.88
C GLY A 27 -0.76 -8.20 23.37
N LYS A 28 -0.97 -9.40 23.88
CA LYS A 28 -0.64 -9.70 25.27
C LYS A 28 0.87 -9.52 25.51
N ASP A 29 1.67 -9.65 24.44
CA ASP A 29 3.11 -9.44 24.53
C ASP A 29 3.55 -7.98 24.42
N GLY A 30 2.58 -7.06 24.36
CA GLY A 30 2.88 -5.63 24.24
C GLY A 30 3.28 -5.18 22.85
N THR A 31 3.02 -6.01 21.84
CA THR A 31 3.31 -5.62 20.44
C THR A 31 2.07 -5.04 19.75
N THR A 32 2.33 -4.11 18.85
CA THR A 32 1.34 -3.61 17.92
C THR A 32 1.01 -4.69 16.85
N LEU A 33 0.01 -4.42 16.04
CA LEU A 33 -0.60 -5.43 15.18
C LEU A 33 0.23 -5.86 13.97
N HIS A 34 0.88 -4.91 13.32
CA HIS A 34 1.65 -5.18 12.10
C HIS A 34 3.14 -5.16 12.35
N LEU A 35 3.60 -4.08 12.96
CA LEU A 35 4.96 -3.94 13.45
C LEU A 35 5.04 -4.67 14.80
N LYS A 36 5.74 -5.79 14.81
CA LYS A 36 5.76 -6.65 15.98
C LYS A 36 6.91 -6.31 16.91
N CYS A 37 6.83 -5.08 17.42
CA CYS A 37 7.87 -4.47 18.23
C CYS A 37 7.23 -3.98 19.52
N LYS A 38 7.98 -4.07 20.62
CA LYS A 38 7.49 -3.61 21.93
C LYS A 38 8.09 -2.24 22.20
N SER A 39 7.50 -1.46 23.10
CA SER A 39 7.98 -0.10 23.35
C SER A 39 9.48 -0.04 23.62
N ASP A 40 9.97 -0.95 24.45
CA ASP A 40 11.37 -0.89 24.89
C ASP A 40 12.36 -1.41 23.84
N GLU A 41 11.83 -1.90 22.72
CA GLU A 41 12.66 -2.40 21.62
C GLU A 41 12.82 -1.41 20.48
N LEU A 42 12.15 -0.27 20.54
CA LEU A 42 12.12 0.68 19.43
C LEU A 42 12.94 1.92 19.80
N ALA A 43 13.91 2.27 18.97
CA ALA A 43 14.73 3.48 19.17
C ALA A 43 13.96 4.74 18.76
N ASP A 44 14.41 5.89 19.25
CA ASP A 44 13.86 7.19 18.84
C ASP A 44 14.26 7.55 17.41
N ARG A 45 15.34 6.94 16.93
CA ARG A 45 15.87 7.19 15.61
CA ARG A 45 15.86 7.20 15.60
C ARG A 45 15.62 5.97 14.73
N ILE A 46 14.91 6.19 13.62
CA ILE A 46 14.39 5.12 12.78
C ILE A 46 14.68 5.35 11.31
N ILE A 47 15.16 4.30 10.63
CA ILE A 47 15.22 4.30 9.18
C ILE A 47 14.09 3.43 8.63
N PHE A 48 13.31 3.97 7.71
CA PHE A 48 12.29 3.21 6.98
C PHE A 48 12.88 2.76 5.65
N VAL A 49 12.64 1.51 5.31
CA VAL A 49 12.93 1.00 3.97
C VAL A 49 11.68 0.34 3.45
N GLY A 50 11.46 0.33 2.14
CA GLY A 50 10.27 -0.34 1.65
C GLY A 50 10.46 -1.85 1.59
N ASP A 51 11.59 -2.26 1.08
CA ASP A 51 11.90 -3.65 0.80
C ASP A 51 12.37 -4.36 2.07
N PRO A 52 11.65 -5.39 2.55
CA PRO A 52 12.12 -6.12 3.72
C PRO A 52 13.55 -6.66 3.58
N GLY A 53 13.96 -6.99 2.37
CA GLY A 53 15.34 -7.45 2.15
C GLY A 53 16.41 -6.44 2.57
N ARG A 54 16.07 -5.15 2.54
CA ARG A 54 17.07 -4.12 2.85
C ARG A 54 17.37 -4.00 4.35
N VAL A 55 16.54 -4.62 5.18
CA VAL A 55 16.70 -4.53 6.64
C VAL A 55 18.03 -5.18 7.05
N ASP A 56 18.32 -6.35 6.51
CA ASP A 56 19.58 -7.03 6.87
C ASP A 56 20.81 -6.34 6.34
N VAL A 57 20.68 -5.68 5.18
CA VAL A 57 21.79 -4.94 4.62
C VAL A 57 22.14 -3.77 5.55
N ILE A 58 21.12 -3.06 6.00
CA ILE A 58 21.30 -1.93 6.90
C ILE A 58 21.81 -2.36 8.28
N SER A 59 21.23 -3.40 8.84
CA SER A 59 21.60 -3.78 10.22
C SER A 59 23.03 -4.27 10.27
N GLY A 60 23.55 -4.73 9.14
CA GLY A 60 24.95 -5.12 9.04
C GLY A 60 25.92 -3.98 9.30
N TYR A 61 25.44 -2.75 9.15
CA TYR A 61 26.24 -1.54 9.43
C TYR A 61 26.14 -1.07 10.87
N PHE A 62 25.24 -1.67 11.65
CA PHE A 62 25.16 -1.35 13.07
C PHE A 62 26.44 -1.82 13.76
N ASP A 63 26.73 -1.18 14.88
CA ASP A 63 27.89 -1.54 15.70
C ASP A 63 27.90 -3.04 16.01
N LYS A 64 29.09 -3.63 16.03
CA LYS A 64 29.24 -5.08 16.19
C LYS A 64 28.51 -5.57 17.45
N ASP A 65 27.70 -6.62 17.28
CA ASP A 65 26.95 -7.25 18.37
C ASP A 65 25.97 -6.33 19.10
N SER A 66 25.56 -5.26 18.44
CA SER A 66 24.66 -4.28 19.08
C SER A 66 23.18 -4.59 18.85
N ILE A 67 22.87 -5.49 17.93
CA ILE A 67 21.46 -5.81 17.67
C ILE A 67 20.87 -6.51 18.88
N ARG A 68 19.88 -5.86 19.49
CA ARG A 68 19.31 -6.31 20.78
C ARG A 68 17.86 -6.75 20.68
N ALA A 69 17.21 -6.45 19.56
CA ALA A 69 15.80 -6.78 19.33
C ALA A 69 15.56 -6.83 17.84
N SER A 70 14.79 -7.80 17.40
CA SER A 70 14.41 -7.91 16.00
C SER A 70 13.29 -8.92 15.85
N ARG A 71 12.40 -8.64 14.91
CA ARG A 71 11.28 -9.54 14.62
C ARG A 71 10.74 -9.27 13.23
N ASP A 72 10.20 -10.30 12.59
CA ASP A 72 9.67 -10.24 11.24
C ASP A 72 8.19 -10.62 11.23
N HIS A 73 7.38 -9.94 10.44
CA HIS A 73 5.94 -10.24 10.28
C HIS A 73 5.35 -9.55 9.05
N ARG A 74 4.61 -10.27 8.18
CA ARG A 74 4.12 -9.72 6.92
C ARG A 74 5.29 -9.00 6.19
N GLU A 75 5.06 -7.83 5.58
CA GLU A 75 6.18 -7.13 4.94
C GLU A 75 7.04 -6.34 5.98
N ILE A 76 6.72 -6.51 7.26
CA ILE A 76 7.16 -5.58 8.31
C ILE A 76 8.23 -6.22 9.19
N ARG A 77 9.48 -5.84 8.95
CA ARG A 77 10.64 -6.36 9.69
C ARG A 77 11.30 -5.22 10.44
N PHE A 78 11.86 -5.49 11.62
CA PHE A 78 12.68 -4.51 12.30
C PHE A 78 13.91 -5.13 12.93
N ALA A 79 14.90 -4.27 13.18
CA ALA A 79 16.08 -4.62 13.97
C ALA A 79 16.55 -3.37 14.65
N THR A 80 16.93 -3.50 15.91
CA THR A 80 17.39 -2.36 16.71
C THR A 80 18.76 -2.66 17.25
N GLY A 81 19.71 -1.78 16.94
CA GLY A 81 21.07 -1.86 17.49
C GLY A 81 21.55 -0.45 17.76
N THR A 82 22.83 -0.22 17.55
CA THR A 82 23.42 1.12 17.69
C THR A 82 24.31 1.38 16.50
N TYR A 83 24.51 2.68 16.23
CA TYR A 83 25.44 3.14 15.22
C TYR A 83 26.28 4.22 15.85
N LYS A 84 27.59 3.99 15.93
CA LYS A 84 28.50 4.89 16.62
C LYS A 84 28.01 5.16 18.03
N GLY A 85 27.41 4.14 18.62
CA GLY A 85 26.89 4.20 19.97
C GLY A 85 25.49 4.73 20.16
N THR A 86 24.89 5.29 19.12
CA THR A 86 23.53 5.83 19.21
C THR A 86 22.50 4.77 18.79
N PRO A 87 21.45 4.56 19.61
CA PRO A 87 20.42 3.61 19.21
C PRO A 87 19.74 3.97 17.91
N VAL A 88 19.59 2.95 17.07
CA VAL A 88 18.87 3.10 15.80
CA VAL A 88 18.89 3.08 15.79
C VAL A 88 18.04 1.84 15.55
N THR A 89 16.87 2.03 14.95
CA THR A 89 16.01 0.92 14.52
C THR A 89 15.78 1.05 13.01
N VAL A 90 15.95 -0.06 12.27
CA VAL A 90 15.58 -0.09 10.84
C VAL A 90 14.28 -0.91 10.77
N ILE A 91 13.30 -0.37 10.03
CA ILE A 91 12.00 -0.98 9.83
C ILE A 91 11.67 -1.03 8.35
N SER A 92 11.28 -2.20 7.86
CA SER A 92 10.68 -2.28 6.54
C SER A 92 9.18 -2.05 6.64
N THR A 93 8.68 -1.22 5.73
CA THR A 93 7.28 -0.85 5.74
C THR A 93 6.47 -1.56 4.66
N GLY A 94 7.14 -2.18 3.70
CA GLY A 94 6.48 -2.61 2.48
C GLY A 94 6.13 -1.38 1.66
N MET A 95 5.36 -1.58 0.61
CA MET A 95 5.14 -0.53 -0.38
C MET A 95 3.94 0.32 -0.05
N GLY A 96 4.11 1.64 -0.10
CA GLY A 96 2.98 2.55 -0.11
C GLY A 96 2.67 3.38 1.13
N VAL A 97 1.96 4.48 0.88
CA VAL A 97 1.56 5.41 1.93
C VAL A 97 0.56 4.81 2.92
N ASP A 98 -0.19 3.82 2.44
CA ASP A 98 -1.10 3.09 3.30
C ASP A 98 -0.31 2.28 4.33
N ASN A 99 0.77 1.65 3.88
CA ASN A 99 1.69 0.93 4.78
C ASN A 99 2.35 1.87 5.77
N ILE A 100 2.70 3.07 5.29
CA ILE A 100 3.24 4.12 6.15
C ILE A 100 2.25 4.49 7.24
N GLU A 101 1.00 4.66 6.85
CA GLU A 101 -0.05 5.05 7.80
C GLU A 101 -0.12 3.99 8.91
N ILE A 102 -0.05 2.72 8.53
CA ILE A 102 -0.04 1.65 9.52
C ILE A 102 1.16 1.78 10.46
N VAL A 103 2.35 1.83 9.89
CA VAL A 103 3.55 1.78 10.70
C VAL A 103 3.71 3.03 11.60
N LEU A 104 3.42 4.22 11.05
CA LEU A 104 3.51 5.43 11.88
C LEU A 104 2.49 5.45 13.03
N ASN A 105 1.26 4.95 12.82
CA ASN A 105 0.31 4.84 13.93
C ASN A 105 0.84 3.92 15.02
N GLU A 106 1.46 2.82 14.60
CA GLU A 106 1.96 1.85 15.56
C GLU A 106 3.21 2.36 16.29
N ILE A 107 4.10 3.05 15.58
CA ILE A 107 5.23 3.74 16.23
C ILE A 107 4.71 4.77 17.25
N HIS A 108 3.69 5.54 16.85
CA HIS A 108 3.06 6.51 17.77
C HIS A 108 2.59 5.87 19.05
N ALA A 109 1.88 4.75 18.94
CA ALA A 109 1.43 4.01 20.11
C ALA A 109 2.60 3.44 20.92
N LEU A 110 3.60 2.87 20.25
CA LEU A 110 4.75 2.34 20.98
C LEU A 110 5.51 3.40 21.78
N LYS A 111 5.59 4.61 21.22
CA LYS A 111 6.32 5.69 21.88
C LYS A 111 5.50 6.45 22.91
N GLU A 112 4.20 6.60 22.67
CA GLU A 112 3.40 7.52 23.48
C GLU A 112 2.22 6.90 24.23
N TYR A 113 1.91 5.63 23.98
CA TYR A 113 0.93 4.93 24.82
C TYR A 113 1.68 4.13 25.88
N ASP A 114 1.50 4.53 27.14
CA ASP A 114 2.11 3.84 28.26
C ASP A 114 1.24 2.62 28.61
N MET A 115 1.68 1.46 28.15
CA MET A 115 0.90 0.23 28.30
C MET A 115 0.83 -0.17 29.76
N GLU A 116 1.90 0.09 30.50
CA GLU A 116 2.00 -0.25 31.93
C GLU A 116 0.93 0.49 32.73
N ARG A 117 0.64 1.74 32.35
CA ARG A 117 -0.31 2.60 33.08
C ARG A 117 -1.67 2.76 32.38
N GLY A 118 -1.74 2.29 31.12
CA GLY A 118 -2.96 2.39 30.32
C GLY A 118 -3.38 3.82 30.03
N GLN A 119 -2.43 4.65 29.62
CA GLN A 119 -2.70 6.06 29.30
C GLN A 119 -1.67 6.59 28.33
N TRP A 120 -2.09 7.57 27.54
CA TRP A 120 -1.18 8.29 26.65
C TRP A 120 -0.32 9.27 27.45
N ARG A 121 0.94 9.37 27.05
CA ARG A 121 1.89 10.23 27.72
C ARG A 121 1.51 11.69 27.53
N HIS A 122 1.81 12.52 28.52
CA HIS A 122 1.54 13.95 28.42
C HIS A 122 2.54 14.59 27.50
N ARG A 123 2.11 15.68 26.88
CA ARG A 123 2.99 16.58 26.15
C ARG A 123 2.86 17.97 26.73
N LYS A 124 3.90 18.77 26.59
CA LYS A 124 3.87 20.14 27.10
C LYS A 124 2.72 20.91 26.46
N GLY A 125 1.97 21.62 27.29
CA GLY A 125 0.80 22.37 26.81
C GLY A 125 -0.53 21.64 26.95
N ASP A 126 -0.52 20.35 27.24
CA ASP A 126 -1.75 19.63 27.56
C ASP A 126 -2.48 20.32 28.70
N ALA A 127 -3.78 20.55 28.52
CA ALA A 127 -4.60 21.26 29.49
C ALA A 127 -4.51 20.64 30.88
N ASP A 128 -4.94 19.38 31.00
CA ASP A 128 -5.09 18.77 32.31
C ASP A 128 -3.89 17.90 32.73
N ALA A 129 -2.73 18.15 32.15
CA ALA A 129 -1.51 17.45 32.56
C ALA A 129 -0.95 18.10 33.81
N PRO A 130 -0.37 17.30 34.72
CA PRO A 130 0.38 17.88 35.83
C PRO A 130 1.50 18.77 35.33
N SER A 131 1.77 19.87 36.03
CA SER A 131 2.81 20.81 35.61
C SER A 131 4.20 20.16 35.56
N ALA A 132 4.41 19.13 36.39
CA ALA A 132 5.66 18.37 36.40
C ALA A 132 5.76 17.36 35.27
N GLY A 133 4.62 16.94 34.74
CA GLY A 133 4.57 15.93 33.66
C GLY A 133 4.52 14.53 34.26
N PRO A 134 5.42 13.64 33.82
CA PRO A 134 6.51 13.83 32.84
C PRO A 134 5.93 14.14 31.46
N PHE A 135 6.76 14.70 30.59
CA PHE A 135 6.33 15.03 29.23
C PHE A 135 7.13 14.27 28.18
N PHE A 136 6.42 13.81 27.16
CA PHE A 136 7.07 13.25 26.00
C PHE A 136 7.38 14.37 25.01
N ASP A 137 8.63 14.43 24.54
CA ASP A 137 9.07 15.39 23.53
C ASP A 137 9.08 14.75 22.14
N PRO A 138 8.08 15.08 21.30
CA PRO A 138 8.00 14.50 19.97
C PRO A 138 9.20 14.79 19.08
N SER A 139 9.90 15.89 19.36
CA SER A 139 11.04 16.26 18.52
C SER A 139 12.20 15.29 18.68
N THR A 140 12.13 14.42 19.69
CA THR A 140 13.14 13.38 19.88
C THR A 140 13.06 12.28 18.82
N MET A 141 11.91 12.16 18.15
CA MET A 141 11.75 11.18 17.10
C MET A 141 12.34 11.69 15.81
N LYS A 142 13.23 10.90 15.23
CA LYS A 142 13.86 11.21 13.95
C LYS A 142 13.63 9.99 13.03
N ILE A 143 12.95 10.20 11.90
CA ILE A 143 12.57 9.12 11.00
C ILE A 143 13.01 9.46 9.58
N ILE A 144 13.86 8.62 8.99
CA ILE A 144 14.31 8.84 7.62
C ILE A 144 14.05 7.63 6.75
N ARG A 145 13.36 7.87 5.65
CA ARG A 145 13.18 6.85 4.62
C ARG A 145 14.40 6.80 3.74
N LEU A 146 14.94 5.60 3.53
CA LEU A 146 15.98 5.37 2.53
C LEU A 146 15.39 4.39 1.52
N GLY A 147 15.08 4.90 0.33
CA GLY A 147 14.33 4.15 -0.63
C GLY A 147 14.91 4.14 -2.02
N THR A 148 14.10 3.68 -2.97
CA THR A 148 14.42 3.78 -4.38
C THR A 148 13.32 4.60 -5.03
N CYS A 149 13.61 5.16 -6.20
CA CYS A 149 12.62 6.02 -6.83
C CYS A 149 12.84 6.19 -8.31
N GLY A 150 11.87 6.83 -8.97
CA GLY A 150 12.07 7.32 -10.33
C GLY A 150 12.36 8.81 -10.30
N SER A 151 12.96 9.31 -11.39
CA SER A 151 13.11 10.76 -11.55
C SER A 151 12.60 11.23 -12.90
N PRO A 152 11.74 12.26 -12.91
CA PRO A 152 11.27 12.91 -14.12
C PRO A 152 12.17 14.08 -14.57
N ALA A 153 13.23 14.34 -13.82
CA ALA A 153 14.12 15.48 -14.07
C ALA A 153 15.28 15.08 -14.97
N GLU A 154 15.45 15.79 -16.08
CA GLU A 154 16.53 15.45 -17.02
C GLU A 154 17.89 15.58 -16.36
N SER A 155 18.06 16.59 -15.52
CA SER A 155 19.35 16.86 -14.90
C SER A 155 19.78 15.76 -13.91
N VAL A 156 18.83 15.08 -13.28
CA VAL A 156 19.15 14.17 -12.19
C VAL A 156 19.78 12.87 -12.69
N PRO A 157 21.05 12.60 -12.30
CA PRO A 157 21.73 11.39 -12.82
C PRO A 157 21.16 10.06 -12.30
N PRO A 158 21.33 8.98 -13.07
CA PRO A 158 21.02 7.62 -12.62
C PRO A 158 21.78 7.32 -11.32
N LEU A 159 21.08 6.73 -10.35
CA LEU A 159 21.67 6.31 -9.09
C LEU A 159 22.12 7.46 -8.18
N ALA A 160 21.75 8.69 -8.52
CA ALA A 160 21.87 9.81 -7.56
C ALA A 160 20.93 9.57 -6.37
N LEU A 161 21.25 10.22 -5.26
CA LEU A 161 20.41 10.20 -4.06
C LEU A 161 19.54 11.43 -4.10
N ALA A 162 18.23 11.23 -4.27
CA ALA A 162 17.30 12.34 -4.33
C ALA A 162 16.73 12.58 -2.93
N VAL A 163 17.07 13.74 -2.37
CA VAL A 163 16.74 14.09 -1.00
C VAL A 163 15.49 14.97 -1.03
N THR A 164 14.48 14.60 -0.23
CA THR A 164 13.21 15.30 -0.20
C THR A 164 13.30 16.59 0.60
N ARG A 165 12.86 17.71 -0.01
CA ARG A 165 12.51 18.91 0.74
CA ARG A 165 12.52 18.92 0.73
C ARG A 165 10.99 18.95 0.83
N HIS A 166 10.30 19.44 -0.20
CA HIS A 166 8.83 19.40 -0.21
C HIS A 166 8.33 18.10 -0.83
N ALA A 167 7.07 17.80 -0.56
CA ALA A 167 6.43 16.60 -1.09
C ALA A 167 5.06 16.94 -1.68
N ILE A 168 4.72 16.27 -2.77
CA ILE A 168 3.37 16.28 -3.33
C ILE A 168 2.74 14.93 -3.09
N GLY A 169 1.60 14.92 -2.39
CA GLY A 169 0.81 13.72 -2.20
C GLY A 169 -0.16 13.57 -3.34
N MET A 170 0.15 12.67 -4.27
CA MET A 170 -0.79 12.28 -5.32
C MET A 170 -1.71 11.15 -4.84
N ASP A 171 -1.29 10.49 -3.77
CA ASP A 171 -2.09 9.54 -3.05
C ASP A 171 -3.19 10.29 -2.29
N ASN A 172 -4.03 9.57 -1.54
CA ASN A 172 -5.06 10.22 -0.71
C ASN A 172 -5.03 9.83 0.77
N THR A 173 -3.96 9.19 1.21
CA THR A 173 -3.96 8.65 2.55
C THR A 173 -4.12 9.76 3.59
N SER A 174 -3.35 10.84 3.42
CA SER A 174 -3.44 11.97 4.35
C SER A 174 -4.74 12.76 4.24
N LEU A 175 -5.52 12.56 3.18
CA LEU A 175 -6.84 13.20 3.15
C LEU A 175 -7.75 12.77 4.29
N TYR A 176 -7.46 11.64 4.94
CA TYR A 176 -8.19 11.10 6.06
C TYR A 176 -7.70 11.73 7.37
N TYR A 177 -6.66 12.57 7.28
CA TYR A 177 -6.09 13.30 8.39
C TYR A 177 -6.13 14.81 8.13
N SER A 178 -7.28 15.24 7.59
CA SER A 178 -7.58 16.65 7.30
C SER A 178 -6.59 17.37 6.36
N ALA A 179 -5.88 16.64 5.51
CA ALA A 179 -4.90 17.29 4.61
C ALA A 179 -5.58 18.26 3.65
N GLY A 180 -6.86 18.02 3.34
CA GLY A 180 -7.58 18.85 2.40
C GLY A 180 -7.95 20.21 2.94
N THR A 181 -7.92 20.37 4.27
CA THR A 181 -8.37 21.60 4.92
C THR A 181 -7.34 22.28 5.82
N ARG A 182 -6.32 21.55 6.29
CA ARG A 182 -5.34 22.14 7.20
C ARG A 182 -4.46 23.13 6.47
N GLU A 183 -4.17 24.26 7.13
CA GLU A 183 -3.37 25.30 6.51
C GLU A 183 -1.96 24.81 6.25
N THR A 184 -1.38 25.29 5.17
CA THR A 184 -0.03 24.92 4.80
C THR A 184 0.77 26.21 4.60
N SER A 185 2.09 26.07 4.50
CA SER A 185 2.97 27.20 4.31
C SER A 185 2.73 27.86 2.96
N LYS A 186 3.23 29.07 2.80
CA LYS A 186 3.16 29.76 1.52
C LYS A 186 3.85 28.95 0.42
N ASP A 187 5.01 28.35 0.72
CA ASP A 187 5.70 27.54 -0.28
C ASP A 187 4.85 26.36 -0.73
N GLN A 188 4.22 25.66 0.23
CA GLN A 188 3.35 24.54 -0.11
C GLN A 188 2.11 24.99 -0.91
N GLN A 189 1.56 26.15 -0.58
CA GLN A 189 0.42 26.67 -1.34
C GLN A 189 0.80 26.92 -2.80
N GLU A 190 2.01 27.43 -3.02
CA GLU A 190 2.50 27.69 -4.37
C GLU A 190 2.73 26.39 -5.15
N ILE A 191 3.31 25.39 -4.49
CA ILE A 191 3.47 24.07 -5.12
C ILE A 191 2.10 23.53 -5.55
N ARG A 192 1.13 23.54 -4.64
CA ARG A 192 -0.19 23.01 -4.96
C ARG A 192 -0.80 23.77 -6.14
N ARG A 193 -0.69 25.10 -6.13
CA ARG A 193 -1.25 25.92 -7.19
C ARG A 193 -0.65 25.55 -8.54
N ILE A 194 0.68 25.46 -8.60
CA ILE A 194 1.37 25.16 -9.85
C ILE A 194 1.00 23.76 -10.33
N VAL A 195 1.03 22.78 -9.44
CA VAL A 195 0.70 21.41 -9.83
C VAL A 195 -0.76 21.31 -10.32
N ARG A 196 -1.69 21.95 -9.63
CA ARG A 196 -3.10 21.93 -10.03
C ARG A 196 -3.35 22.66 -11.36
N GLU A 197 -2.60 23.71 -11.65
CA GLU A 197 -2.85 24.52 -12.84
C GLU A 197 -2.15 23.99 -14.08
N GLN A 198 -1.00 23.36 -13.86
CA GLN A 198 -0.08 23.00 -14.92
C GLN A 198 0.14 21.49 -15.11
N THR A 199 -0.70 20.65 -14.50
CA THR A 199 -0.62 19.23 -14.76
C THR A 199 -2.00 18.59 -14.72
N GLY A 200 -2.08 17.35 -15.19
CA GLY A 200 -3.31 16.57 -15.11
C GLY A 200 -3.77 16.25 -13.71
N LEU A 201 -2.92 16.52 -12.71
CA LEU A 201 -3.36 16.44 -11.31
C LEU A 201 -4.40 17.52 -10.99
N ARG A 202 -4.73 18.39 -11.95
CA ARG A 202 -5.93 19.21 -11.84
C ARG A 202 -7.17 18.37 -11.49
N ALA A 203 -7.13 17.08 -11.81
CA ALA A 203 -8.27 16.18 -11.57
C ALA A 203 -8.29 15.57 -10.16
N ILE A 204 -7.26 15.83 -9.37
CA ILE A 204 -7.05 15.13 -8.09
C ILE A 204 -6.90 16.14 -6.97
N ASP A 205 -7.52 15.86 -5.82
CA ASP A 205 -7.37 16.72 -4.63
C ASP A 205 -6.02 16.38 -3.95
N ILE A 206 -4.93 16.74 -4.63
CA ILE A 206 -3.58 16.49 -4.10
C ILE A 206 -3.33 17.26 -2.81
N TYR A 207 -2.40 16.74 -2.00
CA TYR A 207 -1.94 17.46 -0.85
C TYR A 207 -0.42 17.67 -0.93
N THR A 208 0.12 18.41 0.04
CA THR A 208 1.54 18.66 0.11
C THR A 208 2.07 18.43 1.51
N SER A 209 3.37 18.32 1.61
CA SER A 209 4.06 18.33 2.91
C SER A 209 5.53 18.75 2.71
N MET A 210 6.32 18.58 3.75
CA MET A 210 7.73 18.93 3.69
C MET A 210 8.47 18.09 4.72
N ALA A 211 9.65 17.63 4.35
CA ALA A 211 10.58 17.03 5.32
C ALA A 211 11.00 18.10 6.32
N HIS A 212 11.29 17.67 7.54
CA HIS A 212 11.75 18.60 8.57
C HIS A 212 13.10 19.14 8.12
N PRO A 213 13.30 20.48 8.20
CA PRO A 213 14.55 21.08 7.75
C PRO A 213 15.80 20.48 8.39
N ASN A 214 15.68 20.07 9.65
CA ASN A 214 16.80 19.44 10.34
C ASN A 214 17.20 18.11 9.71
N ILE A 215 16.20 17.37 9.22
CA ILE A 215 16.47 16.10 8.57
C ILE A 215 17.11 16.34 7.19
N THR A 216 16.53 17.23 6.38
CA THR A 216 17.07 17.52 5.06
C THR A 216 18.51 18.01 5.21
N LYS A 217 18.75 18.93 6.14
CA LYS A 217 20.08 19.49 6.36
C LYS A 217 21.08 18.41 6.76
N SER A 218 20.67 17.55 7.68
N SER A 218 20.68 17.53 7.67
CA SER A 218 21.51 16.45 8.16
CA SER A 218 21.58 16.48 8.13
C SER A 218 21.91 15.50 7.02
C SER A 218 21.92 15.47 7.03
N ILE A 219 20.94 15.12 6.20
CA ILE A 219 21.20 14.26 5.05
C ILE A 219 22.24 14.89 4.08
N CYS A 220 22.02 16.15 3.73
CA CYS A 220 22.91 16.86 2.80
C CYS A 220 24.32 16.99 3.36
N ALA A 221 24.42 17.34 4.63
CA ALA A 221 25.71 17.41 5.31
C ALA A 221 26.41 16.06 5.28
N ALA A 222 25.66 14.98 5.48
CA ALA A 222 26.24 13.64 5.46
C ALA A 222 26.75 13.27 4.05
N CYS A 223 26.01 13.68 3.02
CA CYS A 223 26.46 13.48 1.64
C CYS A 223 27.76 14.21 1.38
N ASP A 224 27.79 15.48 1.76
CA ASP A 224 29.01 16.29 1.63
C ASP A 224 30.20 15.65 2.31
N ALA A 225 29.99 15.19 3.54
CA ALA A 225 31.05 14.57 4.32
C ALA A 225 31.57 13.30 3.64
N HIS A 226 30.66 12.51 3.08
CA HIS A 226 31.02 11.27 2.40
C HIS A 226 31.99 11.53 1.26
N ASN A 227 31.63 12.50 0.42
CA ASN A 227 32.42 12.80 -0.76
C ASN A 227 33.75 13.43 -0.40
N ALA A 228 33.75 14.26 0.63
CA ALA A 228 34.99 14.90 1.12
C ALA A 228 35.98 13.87 1.69
N ALA A 229 35.45 12.76 2.20
CA ALA A 229 36.24 11.74 2.90
C ALA A 229 36.89 10.72 1.97
N THR A 230 36.58 10.78 0.68
CA THR A 230 37.22 9.89 -0.28
C THR A 230 37.82 10.63 -1.47
N GLY A 231 38.97 10.16 -1.92
CA GLY A 231 39.62 10.70 -3.11
C GLY A 231 39.46 9.75 -4.28
N SER A 232 38.55 8.79 -4.13
CA SER A 232 38.24 7.84 -5.18
C SER A 232 36.95 8.28 -5.83
N GLU A 233 37.00 8.62 -7.12
CA GLU A 233 35.81 9.08 -7.85
C GLU A 233 34.70 8.01 -7.91
N ALA A 234 35.09 6.74 -7.87
CA ALA A 234 34.14 5.62 -7.89
C ALA A 234 33.34 5.48 -6.59
N ASP A 235 33.85 6.01 -5.48
CA ASP A 235 33.15 5.95 -4.20
C ASP A 235 32.39 7.26 -3.91
N LYS A 236 32.31 8.17 -4.88
CA LYS A 236 31.51 9.40 -4.68
C LYS A 236 30.01 9.11 -4.80
N GLN A 237 29.21 9.92 -4.13
CA GLN A 237 27.75 9.78 -4.21
C GLN A 237 27.16 11.11 -4.60
N GLN A 238 26.52 11.14 -5.76
CA GLN A 238 25.85 12.35 -6.23
C GLN A 238 24.49 12.43 -5.53
N TYR A 239 24.06 13.65 -5.24
CA TYR A 239 22.74 13.90 -4.69
C TYR A 239 22.10 15.17 -5.23
N VAL A 240 20.78 15.21 -5.09
CA VAL A 240 19.96 16.35 -5.47
C VAL A 240 18.92 16.58 -4.38
N ILE A 241 18.42 17.81 -4.27
CA ILE A 241 17.37 18.14 -3.32
C ILE A 241 16.22 18.79 -4.05
N GLY A 242 14.99 18.37 -3.71
CA GLY A 242 13.83 18.94 -4.38
C GLY A 242 12.55 18.30 -3.93
N THR A 243 11.53 18.45 -4.76
CA THR A 243 10.20 18.00 -4.42
C THR A 243 10.02 16.55 -4.85
N THR A 244 9.48 15.75 -3.93
CA THR A 244 9.17 14.35 -4.19
C THR A 244 7.66 14.20 -4.43
N ALA A 245 7.27 13.60 -5.55
CA ALA A 245 5.86 13.29 -5.82
C ALA A 245 5.58 11.84 -5.46
N THR A 246 4.61 11.63 -4.58
CA THR A 246 4.28 10.31 -4.11
C THR A 246 2.95 9.80 -4.71
N ALA A 247 3.00 8.56 -5.18
CA ALA A 247 1.93 7.95 -5.94
C ALA A 247 1.26 6.83 -5.17
N SER A 248 0.00 6.54 -5.56
CA SER A 248 -0.81 5.46 -4.96
C SER A 248 -0.79 4.17 -5.81
N GLY A 249 0.34 4.01 -6.51
CA GLY A 249 0.62 2.86 -7.38
C GLY A 249 1.94 3.07 -8.07
N PHE A 250 2.29 2.15 -8.96
CA PHE A 250 3.56 2.16 -9.66
C PHE A 250 3.44 2.44 -11.17
N TYR A 251 2.36 2.01 -11.80
CA TYR A 251 2.26 1.96 -13.25
C TYR A 251 1.47 3.16 -13.69
N GLY A 252 0.19 2.99 -14.05
CA GLY A 252 -0.64 4.15 -14.43
C GLY A 252 -0.64 5.27 -13.39
N CYS A 253 -0.56 4.88 -12.12
CA CYS A 253 -0.43 5.86 -11.02
C CYS A 253 0.79 6.73 -11.05
N GLN A 254 1.82 6.29 -11.78
CA GLN A 254 3.03 7.08 -12.05
C GLN A 254 3.17 7.46 -13.54
N GLY A 255 2.08 7.37 -14.31
CA GLY A 255 2.12 7.74 -15.72
C GLY A 255 2.78 6.71 -16.64
N ARG A 256 2.96 5.47 -16.16
CA ARG A 256 3.40 4.38 -17.03
C ARG A 256 2.24 3.87 -17.87
N ARG A 257 2.50 3.62 -19.15
CA ARG A 257 1.50 3.18 -20.13
C ARG A 257 1.64 1.66 -20.34
N VAL A 258 0.65 0.92 -19.86
CA VAL A 258 0.70 -0.55 -19.87
C VAL A 258 -0.52 -1.14 -20.56
N GLY A 259 -0.29 -1.71 -21.74
CA GLY A 259 -1.28 -2.54 -22.40
C GLY A 259 -2.66 -1.93 -22.49
N ARG A 260 -3.66 -2.68 -22.01
CA ARG A 260 -5.07 -2.32 -22.14
C ARG A 260 -5.51 -1.29 -21.11
N PHE A 261 -4.60 -0.87 -20.23
CA PHE A 261 -4.88 0.22 -19.29
C PHE A 261 -4.59 1.60 -19.90
N MET A 262 -3.69 1.68 -20.87
CA MET A 262 -3.12 2.97 -21.22
C MET A 262 -4.18 3.96 -21.72
N LYS A 263 -5.21 3.48 -22.43
CA LYS A 263 -6.22 4.40 -22.98
C LYS A 263 -7.11 4.97 -21.88
N HIS A 264 -7.01 4.40 -20.69
CA HIS A 264 -7.85 4.86 -19.58
C HIS A 264 -7.14 5.70 -18.52
N LEU A 265 -5.87 6.03 -18.76
CA LEU A 265 -5.12 6.78 -17.78
C LEU A 265 -5.63 8.21 -17.62
N THR A 266 -5.69 8.67 -16.37
CA THR A 266 -6.06 10.05 -16.06
C THR A 266 -4.91 11.03 -16.31
N VAL A 267 -3.70 10.59 -16.03
CA VAL A 267 -2.51 11.43 -16.19
C VAL A 267 -1.43 10.67 -16.95
N PRO A 268 -1.69 10.37 -18.23
CA PRO A 268 -0.74 9.56 -19.00
C PRO A 268 0.63 10.21 -19.20
N ASN A 269 0.68 11.54 -19.18
CA ASN A 269 1.92 12.27 -19.37
C ASN A 269 2.48 12.82 -18.08
N MET A 270 2.19 12.15 -16.96
CA MET A 270 2.63 12.59 -15.65
C MET A 270 4.12 12.94 -15.58
N VAL A 271 4.98 12.10 -16.15
CA VAL A 271 6.40 12.34 -16.00
C VAL A 271 6.84 13.66 -16.66
N GLU A 272 6.49 13.85 -17.91
CA GLU A 272 6.83 15.07 -18.62
C GLU A 272 6.19 16.30 -18.00
N GLU A 273 4.94 16.15 -17.55
CA GLU A 273 4.26 17.26 -16.89
C GLU A 273 5.00 17.67 -15.61
N LEU A 274 5.21 16.71 -14.72
CA LEU A 274 5.93 17.00 -13.47
C LEU A 274 7.33 17.54 -13.73
N GLY A 275 8.00 16.98 -14.73
CA GLY A 275 9.35 17.42 -15.09
C GLY A 275 9.44 18.84 -15.60
N SER A 276 8.30 19.40 -16.07
CA SER A 276 8.30 20.76 -16.67
C SER A 276 8.18 21.85 -15.60
N LEU A 277 7.83 21.44 -14.38
CA LEU A 277 7.48 22.40 -13.32
C LEU A 277 8.72 23.04 -12.70
N LYS A 278 8.55 24.32 -12.34
CA LYS A 278 9.50 25.05 -11.56
C LYS A 278 8.70 25.78 -10.49
N PHE A 279 9.08 25.58 -9.23
CA PHE A 279 8.42 26.22 -8.13
C PHE A 279 9.29 27.37 -7.66
N ASN A 280 8.77 28.58 -7.77
CA ASN A 280 9.47 29.77 -7.28
C ASN A 280 9.14 29.95 -5.81
N LEU A 281 9.98 29.36 -4.96
CA LEU A 281 9.70 29.29 -3.53
C LEU A 281 10.56 30.27 -2.72
N SER A 282 10.23 30.40 -1.44
CA SER A 282 10.80 31.45 -0.59
C SER A 282 12.31 31.44 -0.59
N ASN A 283 12.92 30.26 -0.58
CA ASN A 283 14.37 30.15 -0.52
C ASN A 283 14.99 29.76 -1.86
N GLY A 284 14.25 29.98 -2.95
CA GLY A 284 14.74 29.71 -4.29
C GLY A 284 13.85 28.78 -5.10
N VAL A 285 14.33 28.42 -6.28
CA VAL A 285 13.59 27.59 -7.21
C VAL A 285 13.75 26.13 -6.84
N GLU A 286 12.64 25.41 -6.86
CA GLU A 286 12.63 23.98 -6.58
C GLU A 286 11.94 23.24 -7.72
N VAL A 287 12.39 22.03 -8.01
CA VAL A 287 11.79 21.20 -9.07
C VAL A 287 11.42 19.84 -8.52
N VAL A 288 10.63 19.09 -9.29
CA VAL A 288 10.28 17.72 -8.89
C VAL A 288 11.44 16.80 -9.24
N THR A 289 12.16 16.36 -8.21
CA THR A 289 13.35 15.54 -8.38
C THR A 289 13.06 14.04 -8.46
N ASN A 290 11.98 13.59 -7.83
CA ASN A 290 11.73 12.16 -7.81
C ASN A 290 10.27 11.81 -7.62
N ILE A 291 9.96 10.57 -7.98
CA ILE A 291 8.62 9.99 -7.81
C ILE A 291 8.77 8.63 -7.14
N GLU A 292 7.97 8.38 -6.11
CA GLU A 292 8.00 7.10 -5.40
C GLU A 292 6.64 6.90 -4.68
N MET A 293 6.59 6.02 -3.67
CA MET A 293 5.29 5.59 -3.13
C MET A 293 5.04 5.79 -1.63
N GLU A 294 5.96 6.43 -0.90
CA GLU A 294 5.82 6.57 0.57
C GLU A 294 5.99 7.96 1.18
N THR A 295 6.72 8.84 0.50
CA THR A 295 7.28 10.01 1.19
C THR A 295 6.25 11.03 1.63
N SER A 296 5.24 11.31 0.80
CA SER A 296 4.22 12.30 1.16
C SER A 296 3.62 12.02 2.53
N ALA A 297 3.18 10.78 2.78
CA ALA A 297 2.53 10.42 4.06
C ALA A 297 3.54 10.38 5.21
N ILE A 298 4.75 9.94 4.94
CA ILE A 298 5.79 10.00 5.98
C ILE A 298 5.93 11.41 6.46
N CYS A 299 6.08 12.35 5.52
CA CYS A 299 6.26 13.75 5.89
C CYS A 299 5.02 14.33 6.61
N TYR A 300 3.86 14.10 6.01
CA TYR A 300 2.62 14.68 6.56
C TYR A 300 2.25 14.14 7.93
N LEU A 301 2.22 12.82 8.05
CA LEU A 301 1.79 12.21 9.30
C LEU A 301 2.86 12.44 10.41
N SER A 302 4.15 12.41 10.05
CA SER A 302 5.21 12.69 11.04
C SER A 302 5.09 14.12 11.54
N ASP A 303 4.93 15.07 10.60
CA ASP A 303 4.82 16.46 10.98
C ASP A 303 3.60 16.67 11.88
N MET A 304 2.50 15.99 11.55
CA MET A 304 1.28 16.08 12.35
C MET A 304 1.55 15.66 13.81
N LEU A 305 2.37 14.63 13.99
CA LEU A 305 2.73 14.14 15.33
C LEU A 305 3.84 14.95 16.01
N GLY A 306 4.47 15.85 15.27
CA GLY A 306 5.64 16.56 15.77
C GLY A 306 6.95 15.80 15.72
N TYR A 307 6.99 14.70 14.99
CA TYR A 307 8.21 13.93 14.81
C TYR A 307 8.97 14.49 13.62
N GLN A 308 10.30 14.49 13.68
CA GLN A 308 11.12 14.98 12.58
C GLN A 308 11.30 13.88 11.57
N ALA A 309 10.91 14.12 10.32
CA ALA A 309 10.99 13.10 9.30
C ALA A 309 11.49 13.65 7.98
N GLY A 310 12.01 12.75 7.16
CA GLY A 310 12.37 13.05 5.79
C GLY A 310 12.67 11.79 4.99
N ALA A 311 13.27 11.95 3.83
CA ALA A 311 13.45 10.83 2.91
C ALA A 311 14.56 11.12 1.94
N ALA A 312 15.24 10.06 1.51
CA ALA A 312 16.24 10.15 0.47
C ALA A 312 16.14 8.84 -0.28
N CYS A 313 16.12 8.90 -1.61
CA CYS A 313 15.90 7.70 -2.41
C CYS A 313 16.86 7.62 -3.57
N VAL A 314 17.40 6.43 -3.81
CA VAL A 314 18.28 6.18 -4.92
C VAL A 314 17.47 6.14 -6.22
N VAL A 315 17.93 6.88 -7.23
CA VAL A 315 17.22 6.95 -8.52
C VAL A 315 17.52 5.69 -9.32
N VAL A 316 16.56 4.77 -9.39
CA VAL A 316 16.72 3.52 -10.11
C VAL A 316 15.97 3.48 -11.45
N SER A 317 15.17 4.50 -11.72
CA SER A 317 14.45 4.59 -12.98
CA SER A 317 14.40 4.59 -12.96
C SER A 317 14.53 6.01 -13.49
N LYS A 318 15.09 6.18 -14.68
CA LYS A 318 15.10 7.48 -15.32
C LYS A 318 13.99 7.38 -16.34
N ARG A 319 12.98 8.21 -16.13
CA ARG A 319 11.78 8.17 -16.90
C ARG A 319 11.95 9.12 -18.11
N VAL A 320 12.99 9.94 -18.08
CA VAL A 320 13.39 10.80 -19.22
C VAL A 320 14.86 10.55 -19.54
N GLY A 321 15.33 11.03 -20.68
CA GLY A 321 16.75 10.98 -21.04
C GLY A 321 17.32 9.58 -21.21
N GLU A 322 17.76 8.98 -20.11
CA GLU A 322 18.28 7.60 -20.15
C GLU A 322 17.16 6.62 -20.50
N LYS A 323 15.97 6.85 -19.94
CA LYS A 323 14.80 6.02 -20.21
C LYS A 323 15.14 4.54 -19.95
N LYS A 324 15.80 4.33 -18.81
CA LYS A 324 16.36 3.04 -18.39
C LYS A 324 16.08 2.80 -16.92
N MET A 325 16.22 1.56 -16.49
CA MET A 325 16.29 1.23 -15.06
C MET A 325 17.70 0.79 -14.68
N PHE A 326 18.06 1.07 -13.43
CA PHE A 326 19.42 0.82 -12.95
C PHE A 326 19.33 -0.03 -11.69
N LEU A 327 19.27 -1.33 -11.91
CA LEU A 327 19.18 -2.31 -10.84
C LEU A 327 20.47 -3.13 -10.85
N GLY A 328 20.57 -4.09 -9.96
CA GLY A 328 21.74 -4.98 -9.90
C GLY A 328 22.93 -4.40 -9.13
N ASP A 329 24.13 -4.75 -9.59
CA ASP A 329 25.37 -4.41 -8.88
C ASP A 329 25.56 -2.92 -8.66
N GLN A 330 25.28 -2.13 -9.70
CA GLN A 330 25.37 -0.66 -9.63
C GLN A 330 24.49 -0.08 -8.52
N LEU A 331 23.29 -0.62 -8.39
CA LEU A 331 22.37 -0.21 -7.34
C LEU A 331 22.90 -0.64 -5.96
N ASP A 332 23.38 -1.87 -5.88
CA ASP A 332 23.90 -2.41 -4.62
C ASP A 332 25.02 -1.52 -4.08
N ALA A 333 25.91 -1.09 -4.97
CA ALA A 333 27.04 -0.24 -4.59
C ALA A 333 26.58 1.16 -4.15
N ALA A 334 25.63 1.72 -4.88
CA ALA A 334 25.07 3.02 -4.53
C ALA A 334 24.35 2.93 -3.18
N MET A 335 23.60 1.85 -2.99
CA MET A 335 22.84 1.69 -1.76
C MET A 335 23.77 1.55 -0.56
N LYS A 336 24.92 0.89 -0.73
CA LYS A 336 25.89 0.78 0.36
C LYS A 336 26.40 2.16 0.80
N ARG A 337 26.69 3.03 -0.16
CA ARG A 337 27.13 4.40 0.17
C ARG A 337 26.03 5.16 0.88
N CYS A 338 24.81 5.00 0.40
CA CYS A 338 23.69 5.79 0.90
C CYS A 338 23.26 5.32 2.28
N ILE A 339 23.39 4.02 2.55
CA ILE A 339 23.09 3.51 3.88
C ILE A 339 23.97 4.20 4.90
N LYS A 340 25.27 4.27 4.63
CA LYS A 340 26.19 4.91 5.56
C LYS A 340 25.87 6.39 5.72
N ILE A 341 25.59 7.06 4.60
CA ILE A 341 25.22 8.46 4.63
C ILE A 341 23.98 8.70 5.50
N ILE A 342 22.96 7.86 5.35
CA ILE A 342 21.72 8.02 6.11
C ILE A 342 21.90 7.69 7.61
N LEU A 343 22.72 6.69 7.93
CA LEU A 343 23.02 6.39 9.33
C LEU A 343 23.74 7.58 9.96
N GLU A 344 24.70 8.14 9.23
CA GLU A 344 25.42 9.31 9.71
C GLU A 344 24.46 10.48 9.94
N ALA A 345 23.56 10.71 8.99
CA ALA A 345 22.64 11.83 9.09
C ALA A 345 21.70 11.64 10.27
N LEU A 346 21.26 10.40 10.45
CA LEU A 346 20.28 10.06 11.45
C LEU A 346 20.82 10.29 12.87
N VAL A 347 22.04 9.82 13.14
CA VAL A 347 22.61 9.99 14.49
C VAL A 347 23.10 11.41 14.76
N SER A 348 23.24 12.21 13.71
CA SER A 348 23.64 13.60 13.89
C SER A 348 22.46 14.58 13.92
N ALA A 349 21.25 14.07 13.61
CA ALA A 349 20.06 14.89 13.62
C ALA A 349 19.68 15.29 15.02
N ASP B 23 8.33 1.49 -19.10
CA ASP B 23 6.93 1.51 -18.56
C ASP B 23 6.44 0.14 -18.09
N LEU B 24 6.90 -0.91 -18.74
CA LEU B 24 6.69 -2.25 -18.23
C LEU B 24 8.02 -3.02 -18.26
N PRO B 25 8.82 -2.88 -17.18
CA PRO B 25 10.11 -3.60 -17.13
C PRO B 25 9.93 -5.12 -17.01
N ILE B 26 10.46 -5.86 -17.98
CA ILE B 26 10.49 -7.31 -17.95
C ILE B 26 11.92 -7.76 -18.15
N GLY B 27 12.49 -8.43 -17.15
CA GLY B 27 13.88 -8.89 -17.24
C GLY B 27 14.11 -9.97 -18.30
N LYS B 28 15.39 -10.25 -18.54
CA LYS B 28 15.76 -11.29 -19.51
C LYS B 28 15.35 -12.68 -19.02
N ASP B 29 15.12 -12.81 -17.72
CA ASP B 29 14.57 -14.05 -17.18
C ASP B 29 13.06 -14.19 -17.46
N GLY B 30 12.44 -13.15 -18.02
CA GLY B 30 11.01 -13.21 -18.37
C GLY B 30 10.06 -12.90 -17.23
N THR B 31 10.58 -12.40 -16.12
CA THR B 31 9.73 -12.04 -14.99
C THR B 31 9.46 -10.54 -14.98
N THR B 32 8.32 -10.18 -14.39
CA THR B 32 7.98 -8.80 -14.12
C THR B 32 8.78 -8.29 -12.89
N LEU B 33 8.58 -7.03 -12.52
CA LEU B 33 9.45 -6.36 -11.58
C LEU B 33 9.25 -6.74 -10.11
N HIS B 34 8.00 -6.94 -9.71
CA HIS B 34 7.64 -7.23 -8.33
C HIS B 34 7.19 -8.68 -8.16
N LEU B 35 6.22 -9.07 -8.98
CA LEU B 35 5.81 -10.46 -9.10
C LEU B 35 6.81 -11.22 -9.96
N LYS B 36 7.50 -12.18 -9.36
CA LYS B 36 8.63 -12.82 -10.02
C LYS B 36 8.23 -14.14 -10.60
N CYS B 37 7.26 -14.06 -11.49
CA CYS B 37 6.62 -15.18 -12.13
C CYS B 37 6.77 -15.00 -13.63
N LYS B 38 6.99 -16.12 -14.33
CA LYS B 38 7.04 -16.13 -15.80
C LYS B 38 5.65 -16.45 -16.35
N SER B 39 5.39 -16.07 -17.59
CA SER B 39 4.07 -16.28 -18.20
C SER B 39 3.60 -17.73 -18.09
N ASP B 40 4.51 -18.65 -18.35
CA ASP B 40 4.21 -20.08 -18.36
CA ASP B 40 4.12 -20.05 -18.35
C ASP B 40 4.00 -20.67 -16.97
N GLU B 41 4.29 -19.89 -15.93
CA GLU B 41 4.16 -20.31 -14.54
C GLU B 41 2.91 -19.77 -13.86
N LEU B 42 2.14 -18.94 -14.55
CA LEU B 42 0.99 -18.28 -13.97
C LEU B 42 -0.31 -18.89 -14.51
N ALA B 43 -1.20 -19.36 -13.64
CA ALA B 43 -2.48 -19.92 -14.05
C ALA B 43 -3.46 -18.81 -14.42
N ASP B 44 -4.52 -19.17 -15.16
CA ASP B 44 -5.60 -18.23 -15.45
C ASP B 44 -6.46 -17.95 -14.21
N ARG B 45 -6.41 -18.85 -13.22
CA ARG B 45 -7.20 -18.78 -12.02
C ARG B 45 -6.29 -18.48 -10.85
N ILE B 46 -6.54 -17.35 -10.17
CA ILE B 46 -5.63 -16.79 -9.20
C ILE B 46 -6.36 -16.46 -7.91
N ILE B 47 -5.74 -16.80 -6.77
CA ILE B 47 -6.20 -16.35 -5.47
C ILE B 47 -5.21 -15.29 -4.97
N PHE B 48 -5.73 -14.13 -4.58
CA PHE B 48 -4.94 -13.07 -3.97
C PHE B 48 -5.08 -13.15 -2.47
N VAL B 49 -3.96 -13.09 -1.77
CA VAL B 49 -3.98 -12.91 -0.32
C VAL B 49 -3.10 -11.74 0.02
N GLY B 50 -3.38 -11.04 1.13
CA GLY B 50 -2.53 -9.93 1.52
C GLY B 50 -1.26 -10.44 2.14
N ASP B 51 -1.43 -11.33 3.11
CA ASP B 51 -0.37 -11.79 3.98
C ASP B 51 0.49 -12.84 3.26
N PRO B 52 1.78 -12.53 3.05
CA PRO B 52 2.64 -13.54 2.43
C PRO B 52 2.61 -14.91 3.11
N GLY B 53 2.36 -14.93 4.41
CA GLY B 53 2.30 -16.19 5.15
C GLY B 53 1.21 -17.12 4.64
N ARG B 54 0.12 -16.55 4.14
CA ARG B 54 -1.04 -17.34 3.76
C ARG B 54 -0.79 -18.15 2.46
N VAL B 55 0.24 -17.80 1.71
CA VAL B 55 0.57 -18.49 0.46
C VAL B 55 0.85 -19.96 0.73
N ASP B 56 1.68 -20.25 1.72
CA ASP B 56 1.99 -21.65 2.04
C ASP B 56 0.80 -22.41 2.62
N VAL B 57 -0.05 -21.72 3.37
CA VAL B 57 -1.24 -22.33 3.90
C VAL B 57 -2.15 -22.75 2.74
N ILE B 58 -2.34 -21.87 1.78
CA ILE B 58 -3.21 -22.19 0.67
C ILE B 58 -2.60 -23.25 -0.25
N SER B 59 -1.31 -23.15 -0.56
CA SER B 59 -0.72 -24.10 -1.49
C SER B 59 -0.72 -25.51 -0.92
N GLY B 60 -0.79 -25.63 0.41
CA GLY B 60 -0.89 -26.96 1.02
C GLY B 60 -2.18 -27.68 0.68
N TYR B 61 -3.19 -26.93 0.22
CA TYR B 61 -4.47 -27.52 -0.21
C TYR B 61 -4.47 -27.86 -1.70
N PHE B 62 -3.43 -27.47 -2.43
CA PHE B 62 -3.32 -27.87 -3.82
C PHE B 62 -3.14 -29.39 -3.87
N ASP B 63 -3.35 -29.95 -5.05
CA ASP B 63 -3.24 -31.38 -5.28
C ASP B 63 -1.84 -31.83 -4.93
N LYS B 64 -1.73 -33.05 -4.41
CA LYS B 64 -0.42 -33.58 -4.06
C LYS B 64 0.56 -33.54 -5.24
N ASP B 65 1.79 -33.14 -4.98
CA ASP B 65 2.86 -33.07 -5.98
C ASP B 65 2.54 -32.19 -7.18
N SER B 66 1.69 -31.18 -6.98
CA SER B 66 1.28 -30.30 -8.07
C SER B 66 2.02 -28.98 -8.11
N ILE B 67 2.64 -28.56 -7.00
CA ILE B 67 3.30 -27.26 -7.02
C ILE B 67 4.52 -27.32 -7.96
N ARG B 68 4.47 -26.53 -9.03
CA ARG B 68 5.47 -26.59 -10.10
C ARG B 68 6.28 -25.31 -10.30
N ALA B 69 5.87 -24.24 -9.63
CA ALA B 69 6.55 -22.96 -9.73
C ALA B 69 6.26 -22.17 -8.46
N SER B 70 7.29 -21.53 -7.94
CA SER B 70 7.16 -20.65 -6.79
CA SER B 70 7.17 -20.66 -6.78
C SER B 70 8.38 -19.77 -6.67
N ARG B 71 8.17 -18.54 -6.21
CA ARG B 71 9.25 -17.60 -5.99
C ARG B 71 8.73 -16.50 -5.07
N ASP B 72 9.64 -15.94 -4.27
CA ASP B 72 9.31 -14.88 -3.32
C ASP B 72 10.15 -13.65 -3.66
N HIS B 73 9.56 -12.48 -3.50
CA HIS B 73 10.27 -11.21 -3.64
C HIS B 73 9.50 -10.09 -2.93
N ARG B 74 10.17 -9.30 -2.09
CA ARG B 74 9.46 -8.30 -1.27
C ARG B 74 8.24 -9.01 -0.59
N GLU B 75 7.08 -8.36 -0.52
CA GLU B 75 5.91 -8.99 0.07
C GLU B 75 5.19 -9.92 -0.94
N ILE B 76 5.75 -10.10 -2.14
CA ILE B 76 5.06 -10.72 -3.26
C ILE B 76 5.58 -12.14 -3.48
N ARG B 77 4.77 -13.10 -3.05
CA ARG B 77 5.09 -14.51 -3.17
C ARG B 77 4.05 -15.19 -4.01
N PHE B 78 4.45 -16.21 -4.77
CA PHE B 78 3.44 -17.02 -5.47
C PHE B 78 3.81 -18.48 -5.43
N ALA B 79 2.77 -19.30 -5.60
CA ALA B 79 2.91 -20.72 -5.86
C ALA B 79 1.85 -21.15 -6.86
N THR B 80 2.23 -21.99 -7.81
CA THR B 80 1.32 -22.46 -8.85
C THR B 80 1.26 -23.97 -8.79
N GLY B 81 0.04 -24.51 -8.67
CA GLY B 81 -0.17 -25.97 -8.72
C GLY B 81 -1.50 -26.27 -9.38
N THR B 82 -2.19 -27.28 -8.88
CA THR B 82 -3.51 -27.60 -9.38
C THR B 82 -4.44 -27.86 -8.20
N TYR B 83 -5.73 -27.65 -8.43
CA TYR B 83 -6.76 -28.02 -7.44
C TYR B 83 -7.82 -28.81 -8.18
N LYS B 84 -7.96 -30.07 -7.77
CA LYS B 84 -8.81 -31.03 -8.46
C LYS B 84 -8.52 -31.04 -9.97
N GLY B 85 -7.24 -30.90 -10.30
CA GLY B 85 -6.75 -30.95 -11.66
C GLY B 85 -6.69 -29.64 -12.41
N THR B 86 -7.34 -28.58 -11.90
CA THR B 86 -7.36 -27.31 -12.59
C THR B 86 -6.17 -26.46 -12.14
N PRO B 87 -5.43 -25.82 -13.08
CA PRO B 87 -4.33 -24.97 -12.63
C PRO B 87 -4.78 -23.80 -11.78
N VAL B 88 -4.07 -23.55 -10.67
CA VAL B 88 -4.36 -22.43 -9.80
CA VAL B 88 -4.37 -22.46 -9.76
C VAL B 88 -3.05 -21.83 -9.31
N THR B 89 -3.04 -20.51 -9.20
CA THR B 89 -1.89 -19.80 -8.62
C THR B 89 -2.40 -19.01 -7.42
N VAL B 90 -1.63 -19.03 -6.33
CA VAL B 90 -1.90 -18.13 -5.19
C VAL B 90 -0.78 -17.09 -5.14
N ILE B 91 -1.16 -15.82 -4.94
CA ILE B 91 -0.21 -14.71 -4.94
C ILE B 91 -0.48 -13.86 -3.72
N SER B 92 0.55 -13.55 -2.94
CA SER B 92 0.41 -12.55 -1.92
C SER B 92 0.71 -11.20 -2.52
N THR B 93 -0.14 -10.22 -2.19
CA THR B 93 -0.01 -8.88 -2.75
C THR B 93 0.61 -7.90 -1.78
N GLY B 94 0.67 -8.28 -0.50
CA GLY B 94 0.95 -7.30 0.53
C GLY B 94 -0.28 -6.43 0.73
N MET B 95 -0.13 -5.34 1.47
CA MET B 95 -1.28 -4.53 1.87
C MET B 95 -1.52 -3.40 0.87
N GLY B 96 -2.77 -3.27 0.47
CA GLY B 96 -3.28 -2.05 -0.15
C GLY B 96 -3.60 -2.10 -1.63
N VAL B 97 -4.40 -1.13 -2.03
CA VAL B 97 -4.80 -1.00 -3.44
C VAL B 97 -3.64 -0.61 -4.37
N ASP B 98 -2.65 0.06 -3.81
CA ASP B 98 -1.41 0.35 -4.52
C ASP B 98 -0.67 -0.92 -4.88
N ASN B 99 -0.60 -1.85 -3.93
CA ASN B 99 -0.02 -3.16 -4.18
C ASN B 99 -0.81 -3.94 -5.23
N ILE B 100 -2.13 -3.83 -5.17
CA ILE B 100 -2.99 -4.45 -6.18
C ILE B 100 -2.70 -3.90 -7.58
N GLU B 101 -2.54 -2.59 -7.65
CA GLU B 101 -2.27 -1.93 -8.93
C GLU B 101 -0.98 -2.51 -9.53
N ILE B 102 0.05 -2.67 -8.68
CA ILE B 102 1.29 -3.30 -9.14
C ILE B 102 1.04 -4.72 -9.67
N VAL B 103 0.43 -5.56 -8.85
CA VAL B 103 0.31 -6.97 -9.20
C VAL B 103 -0.61 -7.19 -10.42
N LEU B 104 -1.71 -6.43 -10.50
CA LEU B 104 -2.59 -6.61 -11.66
C LEU B 104 -1.96 -6.12 -12.96
N ASN B 105 -1.19 -5.05 -12.91
CA ASN B 105 -0.45 -4.64 -14.10
C ASN B 105 0.50 -5.71 -14.56
N GLU B 106 1.18 -6.34 -13.61
CA GLU B 106 2.14 -7.37 -13.95
C GLU B 106 1.48 -8.65 -14.44
N ILE B 107 0.37 -9.05 -13.82
CA ILE B 107 -0.43 -10.16 -14.34
C ILE B 107 -0.91 -9.87 -15.75
N HIS B 108 -1.39 -8.66 -16.00
CA HIS B 108 -1.80 -8.27 -17.36
C HIS B 108 -0.66 -8.46 -18.39
N ALA B 109 0.53 -8.00 -18.07
CA ALA B 109 1.65 -8.18 -18.98
C ALA B 109 1.98 -9.65 -19.17
N LEU B 110 2.03 -10.40 -18.08
CA LEU B 110 2.35 -11.81 -18.20
C LEU B 110 1.34 -12.57 -19.04
N LYS B 111 0.06 -12.20 -18.95
CA LYS B 111 -0.98 -12.90 -19.73
C LYS B 111 -1.17 -12.37 -21.15
N GLU B 112 -0.87 -11.09 -21.40
CA GLU B 112 -1.24 -10.49 -22.68
C GLU B 112 -0.14 -9.81 -23.44
N TYR B 113 1.06 -9.72 -22.88
CA TYR B 113 2.18 -9.24 -23.70
C TYR B 113 2.90 -10.45 -24.23
N ASP B 114 2.91 -10.58 -25.56
CA ASP B 114 3.49 -11.71 -26.25
C ASP B 114 4.96 -11.36 -26.53
N MET B 115 5.85 -11.94 -25.73
CA MET B 115 7.27 -11.63 -25.84
C MET B 115 7.85 -12.10 -27.16
N GLU B 116 7.34 -13.23 -27.65
CA GLU B 116 7.85 -13.83 -28.89
C GLU B 116 7.41 -13.05 -30.13
N ARG B 117 6.29 -12.36 -30.04
CA ARG B 117 5.80 -11.47 -31.10
C ARG B 117 6.24 -10.03 -30.86
N GLY B 118 6.61 -9.70 -29.62
CA GLY B 118 6.98 -8.34 -29.24
C GLY B 118 5.81 -7.38 -29.23
N GLN B 119 4.62 -7.91 -28.96
CA GLN B 119 3.38 -7.12 -29.03
C GLN B 119 2.34 -7.67 -28.07
N TRP B 120 1.33 -6.85 -27.79
CA TRP B 120 0.19 -7.27 -26.99
C TRP B 120 -0.73 -8.17 -27.81
N ARG B 121 -1.28 -9.16 -27.14
CA ARG B 121 -2.20 -10.09 -27.78
C ARG B 121 -3.44 -9.36 -28.29
N HIS B 122 -3.99 -9.86 -29.39
CA HIS B 122 -5.21 -9.29 -29.97
C HIS B 122 -6.38 -9.65 -29.12
N ARG B 123 -7.37 -8.77 -29.11
CA ARG B 123 -8.67 -9.08 -28.56
C ARG B 123 -9.74 -8.87 -29.62
N LYS B 124 -10.83 -9.61 -29.49
CA LYS B 124 -11.95 -9.44 -30.40
C LYS B 124 -12.37 -7.97 -30.34
N GLY B 125 -12.64 -7.37 -31.49
CA GLY B 125 -13.06 -5.96 -31.54
C GLY B 125 -11.94 -5.00 -31.92
N ASP B 126 -10.69 -5.43 -31.77
CA ASP B 126 -9.55 -4.60 -32.19
C ASP B 126 -9.63 -4.27 -33.69
N ALA B 127 -9.41 -3.01 -34.04
CA ALA B 127 -9.57 -2.54 -35.42
C ALA B 127 -8.65 -3.18 -36.45
N ASP B 128 -7.37 -3.32 -36.13
CA ASP B 128 -6.42 -3.79 -37.13
C ASP B 128 -5.84 -5.15 -36.77
N ALA B 129 -6.63 -5.96 -36.06
CA ALA B 129 -6.23 -7.31 -35.75
C ALA B 129 -6.48 -8.19 -36.97
N PRO B 130 -5.69 -9.26 -37.13
CA PRO B 130 -6.03 -10.21 -38.20
C PRO B 130 -7.41 -10.79 -37.98
N SER B 131 -8.13 -11.09 -39.06
CA SER B 131 -9.51 -11.55 -38.95
C SER B 131 -9.64 -12.80 -38.08
N ALA B 132 -8.65 -13.68 -38.18
CA ALA B 132 -8.63 -14.94 -37.43
C ALA B 132 -7.97 -14.80 -36.06
N GLY B 133 -7.48 -13.60 -35.73
CA GLY B 133 -6.77 -13.40 -34.47
C GLY B 133 -5.38 -14.00 -34.54
N PRO B 134 -5.04 -14.91 -33.60
CA PRO B 134 -5.89 -15.41 -32.50
C PRO B 134 -6.18 -14.32 -31.50
N PHE B 135 -7.18 -14.56 -30.66
CA PHE B 135 -7.66 -13.57 -29.70
C PHE B 135 -7.58 -14.08 -28.29
N PHE B 136 -7.06 -13.25 -27.40
CA PHE B 136 -7.04 -13.56 -25.98
C PHE B 136 -8.42 -13.25 -25.42
N ASP B 137 -8.99 -14.20 -24.69
CA ASP B 137 -10.29 -14.03 -24.05
C ASP B 137 -10.09 -13.65 -22.58
N PRO B 138 -10.30 -12.36 -22.26
CA PRO B 138 -10.05 -11.93 -20.90
C PRO B 138 -10.96 -12.55 -19.86
N SER B 139 -12.12 -13.04 -20.29
CA SER B 139 -13.02 -13.67 -19.34
C SER B 139 -12.45 -15.00 -18.80
N THR B 140 -11.38 -15.52 -19.41
CA THR B 140 -10.73 -16.74 -18.88
C THR B 140 -10.00 -16.47 -17.56
N MET B 141 -9.70 -15.20 -17.28
CA MET B 141 -9.04 -14.83 -16.06
C MET B 141 -10.04 -14.75 -14.91
N LYS B 142 -9.77 -15.48 -13.84
CA LYS B 142 -10.65 -15.54 -12.66
C LYS B 142 -9.76 -15.23 -11.48
N ILE B 143 -10.05 -14.14 -10.76
CA ILE B 143 -9.19 -13.65 -9.67
C ILE B 143 -10.03 -13.41 -8.42
N ILE B 144 -9.71 -14.11 -7.34
CA ILE B 144 -10.46 -13.97 -6.11
C ILE B 144 -9.54 -13.65 -4.97
N ARG B 145 -9.83 -12.54 -4.27
CA ARG B 145 -9.15 -12.24 -3.03
C ARG B 145 -9.79 -13.03 -1.87
N LEU B 146 -8.94 -13.67 -1.06
CA LEU B 146 -9.37 -14.26 0.22
C LEU B 146 -8.55 -13.54 1.30
N GLY B 147 -9.23 -12.71 2.09
CA GLY B 147 -8.55 -11.85 3.04
C GLY B 147 -9.20 -11.84 4.40
N THR B 148 -8.78 -10.87 5.18
CA THR B 148 -9.41 -10.55 6.45
C THR B 148 -9.94 -9.14 6.36
N CYS B 149 -10.85 -8.82 7.24
CA CYS B 149 -11.49 -7.51 7.23
C CYS B 149 -12.12 -7.15 8.55
N GLY B 150 -12.55 -5.91 8.64
CA GLY B 150 -13.46 -5.48 9.69
C GLY B 150 -14.88 -5.40 9.18
N SER B 151 -15.84 -5.38 10.10
CA SER B 151 -17.23 -5.11 9.73
C SER B 151 -17.86 -4.02 10.55
N PRO B 152 -18.52 -3.05 9.90
CA PRO B 152 -19.27 -2.02 10.59
C PRO B 152 -20.75 -2.36 10.75
N ALA B 153 -21.11 -3.60 10.42
CA ALA B 153 -22.50 -4.05 10.37
C ALA B 153 -22.85 -4.84 11.61
N GLU B 154 -23.88 -4.39 12.31
CA GLU B 154 -24.29 -5.02 13.56
C GLU B 154 -24.59 -6.51 13.35
N SER B 155 -25.28 -6.81 12.26
CA SER B 155 -25.77 -8.17 12.00
C SER B 155 -24.69 -9.16 11.55
N VAL B 156 -23.54 -8.68 11.11
CA VAL B 156 -22.52 -9.56 10.53
C VAL B 156 -21.75 -10.24 11.67
N PRO B 157 -21.85 -11.57 11.78
CA PRO B 157 -21.19 -12.26 12.90
C PRO B 157 -19.66 -12.24 12.83
N PRO B 158 -18.98 -12.30 13.99
CA PRO B 158 -17.53 -12.44 13.94
C PRO B 158 -17.11 -13.72 13.18
N LEU B 159 -16.00 -13.64 12.44
CA LEU B 159 -15.44 -14.73 11.62
C LEU B 159 -16.40 -15.24 10.52
N ALA B 160 -17.44 -14.46 10.20
CA ALA B 160 -18.21 -14.70 8.98
C ALA B 160 -17.36 -14.37 7.78
N LEU B 161 -17.71 -14.96 6.62
CA LEU B 161 -17.09 -14.62 5.35
C LEU B 161 -17.92 -13.54 4.62
N ALA B 162 -17.33 -12.34 4.49
CA ALA B 162 -17.99 -11.23 3.83
C ALA B 162 -17.65 -11.27 2.36
N VAL B 163 -18.65 -11.56 1.53
CA VAL B 163 -18.49 -11.75 0.09
C VAL B 163 -18.87 -10.45 -0.61
N THR B 164 -17.95 -9.91 -1.41
CA THR B 164 -18.16 -8.62 -2.07
C THR B 164 -19.12 -8.74 -3.23
N ARG B 165 -20.17 -7.90 -3.21
CA ARG B 165 -20.94 -7.62 -4.42
C ARG B 165 -20.44 -6.26 -4.96
N HIS B 166 -20.99 -5.16 -4.45
CA HIS B 166 -20.46 -3.83 -4.81
C HIS B 166 -19.28 -3.41 -3.94
N ALA B 167 -18.52 -2.43 -4.43
CA ALA B 167 -17.33 -1.94 -3.72
C ALA B 167 -17.33 -0.41 -3.70
N ILE B 168 -16.92 0.15 -2.56
CA ILE B 168 -16.64 1.59 -2.44
C ILE B 168 -15.13 1.76 -2.33
N GLY B 169 -14.55 2.54 -3.24
CA GLY B 169 -13.14 2.92 -3.18
C GLY B 169 -13.03 4.22 -2.37
N MET B 170 -12.65 4.09 -1.10
CA MET B 170 -12.28 5.25 -0.29
C MET B 170 -10.81 5.66 -0.55
N ASP B 171 -10.03 4.74 -1.13
CA ASP B 171 -8.70 5.01 -1.67
C ASP B 171 -8.82 5.86 -2.92
N ASN B 172 -7.67 6.18 -3.55
CA ASN B 172 -7.72 6.91 -4.81
C ASN B 172 -6.96 6.26 -5.95
N THR B 173 -6.52 5.01 -5.80
CA THR B 173 -5.67 4.37 -6.80
C THR B 173 -6.35 4.35 -8.16
N SER B 174 -7.65 4.02 -8.17
CA SER B 174 -8.33 3.92 -9.45
C SER B 174 -8.69 5.29 -10.04
N LEU B 175 -8.49 6.37 -9.28
CA LEU B 175 -8.69 7.70 -9.87
C LEU B 175 -7.70 7.96 -10.97
N TYR B 176 -6.59 7.22 -10.97
CA TYR B 176 -5.56 7.32 -12.01
C TYR B 176 -5.92 6.54 -13.29
N TYR B 177 -7.05 5.82 -13.22
CA TYR B 177 -7.58 5.00 -14.30
C TYR B 177 -8.99 5.50 -14.64
N SER B 178 -9.18 6.82 -14.63
CA SER B 178 -10.44 7.48 -14.96
C SER B 178 -11.68 7.12 -14.09
N ALA B 179 -11.48 6.62 -12.87
CA ALA B 179 -12.64 6.21 -12.08
C ALA B 179 -13.54 7.37 -11.73
N GLY B 180 -12.97 8.57 -11.71
CA GLY B 180 -13.73 9.76 -11.33
C GLY B 180 -14.67 10.23 -12.41
N THR B 181 -14.51 9.75 -13.63
CA THR B 181 -15.27 10.22 -14.78
C THR B 181 -15.95 9.12 -15.62
N ARG B 182 -15.46 7.89 -15.55
CA ARG B 182 -16.07 6.81 -16.34
C ARG B 182 -17.46 6.50 -15.83
N GLU B 183 -18.37 6.22 -16.75
CA GLU B 183 -19.75 5.92 -16.37
C GLU B 183 -19.84 4.65 -15.54
N THR B 184 -20.78 4.62 -14.60
CA THR B 184 -20.97 3.45 -13.77
C THR B 184 -22.44 3.07 -13.90
N SER B 185 -22.78 1.87 -13.41
CA SER B 185 -24.15 1.38 -13.38
C SER B 185 -25.08 2.22 -12.53
N LYS B 186 -26.38 2.03 -12.72
CA LYS B 186 -27.35 2.73 -11.91
C LYS B 186 -27.13 2.40 -10.44
N ASP B 187 -26.86 1.13 -10.15
CA ASP B 187 -26.66 0.70 -8.77
C ASP B 187 -25.47 1.41 -8.14
N GLN B 188 -24.36 1.49 -8.87
CA GLN B 188 -23.18 2.20 -8.38
C GLN B 188 -23.43 3.69 -8.22
N GLN B 189 -24.20 4.28 -9.12
CA GLN B 189 -24.56 5.69 -8.97
C GLN B 189 -25.32 5.91 -7.65
N GLU B 190 -26.20 4.98 -7.31
CA GLU B 190 -26.98 5.11 -6.07
C GLU B 190 -26.10 4.94 -4.84
N ILE B 191 -25.20 3.97 -4.86
CA ILE B 191 -24.25 3.82 -3.75
C ILE B 191 -23.48 5.13 -3.53
N ARG B 192 -22.94 5.70 -4.59
CA ARG B 192 -22.18 6.94 -4.46
C ARG B 192 -23.01 8.07 -3.91
N ARG B 193 -24.24 8.17 -4.40
CA ARG B 193 -25.17 9.20 -3.93
C ARG B 193 -25.44 9.09 -2.44
N ILE B 194 -25.72 7.87 -1.97
CA ILE B 194 -26.01 7.63 -0.56
C ILE B 194 -24.79 7.88 0.34
N VAL B 195 -23.62 7.47 -0.14
CA VAL B 195 -22.39 7.66 0.63
C VAL B 195 -22.11 9.14 0.78
N ARG B 196 -22.28 9.90 -0.30
CA ARG B 196 -22.07 11.34 -0.25
C ARG B 196 -23.14 12.03 0.56
N GLU B 197 -24.37 11.53 0.49
CA GLU B 197 -25.45 12.16 1.23
C GLU B 197 -25.25 12.05 2.73
N GLN B 198 -24.83 10.87 3.17
CA GLN B 198 -25.03 10.43 4.55
C GLN B 198 -23.75 10.19 5.35
N THR B 199 -22.60 10.43 4.73
CA THR B 199 -21.30 10.23 5.42
C THR B 199 -20.31 11.35 5.14
N GLY B 200 -19.26 11.37 5.96
CA GLY B 200 -18.19 12.34 5.81
C GLY B 200 -17.34 12.08 4.60
N LEU B 201 -17.58 10.94 3.94
CA LEU B 201 -16.90 10.69 2.69
C LEU B 201 -17.33 11.62 1.55
N ARG B 202 -18.35 12.44 1.78
CA ARG B 202 -18.64 13.50 0.82
C ARG B 202 -17.42 14.41 0.54
N ALA B 203 -16.47 14.47 1.48
CA ALA B 203 -15.23 15.25 1.31
C ALA B 203 -14.18 14.62 0.39
N ILE B 204 -14.45 13.40 -0.09
CA ILE B 204 -13.50 12.61 -0.85
C ILE B 204 -14.12 12.20 -2.18
N ASP B 205 -13.34 12.25 -3.26
CA ASP B 205 -13.83 11.80 -4.57
C ASP B 205 -13.82 10.25 -4.62
N ILE B 206 -14.71 9.65 -3.84
CA ILE B 206 -14.79 8.20 -3.75
C ILE B 206 -15.23 7.64 -5.10
N TYR B 207 -14.87 6.38 -5.34
CA TYR B 207 -15.34 5.68 -6.51
C TYR B 207 -16.00 4.39 -6.12
N THR B 208 -16.51 3.66 -7.09
CA THR B 208 -17.23 2.42 -6.85
C THR B 208 -16.82 1.38 -7.88
N SER B 209 -17.10 0.12 -7.54
CA SER B 209 -17.01 -0.97 -8.50
C SER B 209 -17.93 -2.09 -8.09
N MET B 210 -17.75 -3.22 -8.75
CA MET B 210 -18.58 -4.38 -8.43
C MET B 210 -17.79 -5.63 -8.79
N ALA B 211 -17.86 -6.65 -7.95
CA ALA B 211 -17.29 -7.95 -8.28
C ALA B 211 -18.06 -8.53 -9.45
N HIS B 212 -17.41 -9.36 -10.26
CA HIS B 212 -18.12 -9.98 -11.34
C HIS B 212 -19.22 -10.88 -10.77
N PRO B 213 -20.43 -10.85 -11.34
CA PRO B 213 -21.51 -11.67 -10.81
C PRO B 213 -21.20 -13.16 -10.74
N ASN B 214 -20.42 -13.68 -11.68
CA ASN B 214 -20.05 -15.08 -11.69
C ASN B 214 -19.19 -15.42 -10.48
N ILE B 215 -18.36 -14.47 -10.07
CA ILE B 215 -17.47 -14.72 -8.94
C ILE B 215 -18.26 -14.69 -7.64
N THR B 216 -19.09 -13.66 -7.46
CA THR B 216 -19.92 -13.57 -6.26
C THR B 216 -20.76 -14.83 -6.12
N LYS B 217 -21.39 -15.25 -7.21
CA LYS B 217 -22.27 -16.43 -7.20
C LYS B 217 -21.52 -17.71 -6.90
N SER B 218 -20.36 -17.89 -7.52
CA SER B 218 -19.56 -19.09 -7.33
C SER B 218 -19.12 -19.19 -5.88
N ILE B 219 -18.77 -18.06 -5.27
CA ILE B 219 -18.34 -18.09 -3.87
C ILE B 219 -19.51 -18.48 -2.99
N CYS B 220 -20.66 -17.86 -3.21
CA CYS B 220 -21.83 -18.19 -2.42
C CYS B 220 -22.21 -19.66 -2.58
N ALA B 221 -22.16 -20.17 -3.80
CA ALA B 221 -22.50 -21.56 -4.04
C ALA B 221 -21.54 -22.50 -3.30
N ALA B 222 -20.26 -22.16 -3.28
CA ALA B 222 -19.28 -22.97 -2.56
C ALA B 222 -19.52 -22.95 -1.06
N CYS B 223 -19.94 -21.79 -0.54
CA CYS B 223 -20.33 -21.70 0.87
C CYS B 223 -21.52 -22.60 1.16
N ASP B 224 -22.54 -22.51 0.30
CA ASP B 224 -23.73 -23.34 0.49
C ASP B 224 -23.38 -24.83 0.42
N ALA B 225 -22.51 -25.20 -0.49
CA ALA B 225 -22.12 -26.61 -0.63
C ALA B 225 -21.37 -27.09 0.59
N HIS B 226 -20.46 -26.24 1.11
CA HIS B 226 -19.75 -26.57 2.33
C HIS B 226 -20.72 -26.86 3.47
N ASN B 227 -21.67 -25.95 3.67
CA ASN B 227 -22.62 -26.06 4.77
C ASN B 227 -23.58 -27.23 4.61
N ALA B 228 -23.96 -27.56 3.38
CA ALA B 228 -24.86 -28.68 3.15
C ALA B 228 -24.16 -30.01 3.44
N ALA B 229 -22.85 -30.04 3.27
CA ALA B 229 -22.06 -31.28 3.41
C ALA B 229 -21.71 -31.63 4.86
N THR B 230 -22.03 -30.76 5.82
CA THR B 230 -21.73 -31.07 7.20
C THR B 230 -22.92 -30.79 8.11
N GLY B 231 -23.11 -31.66 9.09
CA GLY B 231 -24.08 -31.43 10.15
C GLY B 231 -23.47 -30.83 11.40
N SER B 232 -22.15 -30.63 11.39
CA SER B 232 -21.45 -30.05 12.52
C SER B 232 -21.59 -28.53 12.52
N GLU B 233 -22.34 -27.99 13.48
CA GLU B 233 -22.52 -26.54 13.59
C GLU B 233 -21.17 -25.83 13.76
N ALA B 234 -20.28 -26.45 14.51
CA ALA B 234 -18.94 -25.89 14.72
C ALA B 234 -18.11 -25.80 13.42
N ASP B 235 -18.56 -26.47 12.36
CA ASP B 235 -17.84 -26.47 11.10
C ASP B 235 -18.61 -25.80 9.97
N LYS B 236 -19.74 -25.17 10.30
CA LYS B 236 -20.45 -24.34 9.32
C LYS B 236 -19.66 -23.07 9.08
N GLN B 237 -19.83 -22.47 7.91
CA GLN B 237 -19.24 -21.18 7.63
C GLN B 237 -20.35 -20.22 7.28
N GLN B 238 -20.58 -19.25 8.18
CA GLN B 238 -21.57 -18.22 7.91
C GLN B 238 -21.00 -17.24 6.90
N TYR B 239 -21.86 -16.70 6.06
CA TYR B 239 -21.43 -15.67 5.10
C TYR B 239 -22.50 -14.64 4.88
N VAL B 240 -22.06 -13.47 4.40
CA VAL B 240 -22.93 -12.38 4.02
C VAL B 240 -22.44 -11.83 2.68
N ILE B 241 -23.37 -11.26 1.92
CA ILE B 241 -23.05 -10.64 0.64
C ILE B 241 -23.38 -9.17 0.75
N GLY B 242 -22.44 -8.31 0.34
CA GLY B 242 -22.72 -6.89 0.38
C GLY B 242 -21.60 -6.03 -0.12
N THR B 243 -21.61 -4.77 0.31
CA THR B 243 -20.69 -3.78 -0.19
C THR B 243 -19.46 -3.73 0.70
N THR B 244 -18.30 -3.76 0.04
CA THR B 244 -16.99 -3.69 0.71
C THR B 244 -16.46 -2.29 0.53
N ALA B 245 -16.12 -1.64 1.65
CA ALA B 245 -15.47 -0.32 1.62
C ALA B 245 -13.97 -0.50 1.77
N THR B 246 -13.22 0.01 0.82
CA THR B 246 -11.76 -0.18 0.80
C THR B 246 -11.04 1.12 1.14
N ALA B 247 -10.10 1.02 2.10
CA ALA B 247 -9.37 2.16 2.66
C ALA B 247 -7.94 2.27 2.16
N SER B 248 -7.37 3.48 2.27
CA SER B 248 -6.00 3.75 1.91
C SER B 248 -5.12 3.76 3.19
N GLY B 249 -5.48 2.92 4.15
CA GLY B 249 -4.78 2.79 5.42
C GLY B 249 -5.65 1.94 6.34
N PHE B 250 -5.19 1.77 7.59
CA PHE B 250 -5.83 0.87 8.56
C PHE B 250 -6.43 1.61 9.75
N TYR B 251 -5.83 2.74 10.13
CA TYR B 251 -6.20 3.40 11.39
C TYR B 251 -7.16 4.54 11.12
N GLY B 252 -6.69 5.78 11.11
CA GLY B 252 -7.57 6.91 10.77
C GLY B 252 -8.29 6.72 9.45
N CYS B 253 -7.65 6.04 8.52
CA CYS B 253 -8.25 5.77 7.21
C CYS B 253 -9.44 4.80 7.27
N GLN B 254 -9.59 4.09 8.40
CA GLN B 254 -10.78 3.26 8.68
C GLN B 254 -11.59 3.76 9.88
N GLY B 255 -11.38 5.03 10.26
CA GLY B 255 -12.09 5.59 11.39
C GLY B 255 -11.61 5.18 12.76
N ARG B 256 -10.46 4.54 12.86
CA ARG B 256 -9.87 4.25 14.16
C ARG B 256 -9.26 5.51 14.75
N ARG B 257 -9.46 5.66 16.06
CA ARG B 257 -9.00 6.81 16.83
C ARG B 257 -7.75 6.47 17.63
N VAL B 258 -6.63 7.06 17.24
CA VAL B 258 -5.33 6.71 17.82
C VAL B 258 -4.58 7.95 18.33
N GLY B 259 -4.43 8.05 19.65
CA GLY B 259 -3.59 9.08 20.25
C GLY B 259 -3.78 10.47 19.69
N ARG B 260 -2.67 11.06 19.29
CA ARG B 260 -2.63 12.46 18.88
C ARG B 260 -3.18 12.67 17.48
N PHE B 261 -3.51 11.58 16.78
CA PHE B 261 -4.15 11.70 15.47
C PHE B 261 -5.66 11.93 15.55
N MET B 262 -6.27 11.48 16.64
CA MET B 262 -7.71 11.42 16.69
CA MET B 262 -7.71 11.44 16.77
C MET B 262 -8.37 12.76 16.35
N LYS B 263 -7.81 13.86 16.85
CA LYS B 263 -8.45 15.17 16.66
C LYS B 263 -8.36 15.69 15.22
N HIS B 264 -7.54 15.04 14.41
CA HIS B 264 -7.29 15.47 13.05
C HIS B 264 -7.99 14.59 12.01
N LEU B 265 -8.80 13.62 12.46
CA LEU B 265 -9.48 12.73 11.49
C LEU B 265 -10.52 13.46 10.67
N THR B 266 -10.52 13.16 9.37
CA THR B 266 -11.55 13.73 8.47
C THR B 266 -12.90 13.06 8.71
N VAL B 267 -12.89 11.76 8.91
CA VAL B 267 -14.12 10.97 9.09
C VAL B 267 -14.03 10.13 10.38
N PRO B 268 -14.06 10.78 11.54
CA PRO B 268 -13.90 10.07 12.81
C PRO B 268 -15.02 9.08 13.12
N ASN B 269 -16.21 9.29 12.55
CA ASN B 269 -17.36 8.39 12.74
CA ASN B 269 -17.34 8.40 12.76
C ASN B 269 -17.59 7.49 11.54
N MET B 270 -16.54 7.20 10.79
CA MET B 270 -16.65 6.36 9.60
C MET B 270 -17.44 5.06 9.84
N VAL B 271 -17.15 4.35 10.92
CA VAL B 271 -17.79 3.04 11.18
C VAL B 271 -19.31 3.16 11.34
N GLU B 272 -19.74 4.06 12.20
CA GLU B 272 -21.16 4.28 12.44
CA GLU B 272 -21.16 4.24 12.44
C GLU B 272 -21.84 4.77 11.16
N GLU B 273 -21.20 5.69 10.47
CA GLU B 273 -21.74 6.25 9.25
C GLU B 273 -21.90 5.19 8.17
N LEU B 274 -20.85 4.43 7.90
CA LEU B 274 -20.96 3.32 6.93
C LEU B 274 -21.96 2.25 7.36
N GLY B 275 -21.96 1.91 8.63
CA GLY B 275 -22.89 0.92 9.16
C GLY B 275 -24.34 1.29 9.06
N SER B 276 -24.61 2.59 8.96
CA SER B 276 -25.99 3.10 8.93
C SER B 276 -26.63 3.03 7.54
N LEU B 277 -25.80 2.82 6.52
CA LEU B 277 -26.26 2.95 5.13
C LEU B 277 -27.09 1.75 4.70
N LYS B 278 -28.12 2.05 3.92
CA LYS B 278 -28.85 1.02 3.19
C LYS B 278 -28.92 1.46 1.74
N PHE B 279 -28.56 0.57 0.82
CA PHE B 279 -28.62 0.88 -0.61
C PHE B 279 -29.78 0.12 -1.20
N ASN B 280 -30.73 0.83 -1.77
CA ASN B 280 -31.91 0.23 -2.39
C ASN B 280 -31.58 0.02 -3.84
N LEU B 281 -31.05 -1.15 -4.15
CA LEU B 281 -30.47 -1.41 -5.47
C LEU B 281 -31.32 -2.40 -6.25
N SER B 282 -30.93 -2.67 -7.49
CA SER B 282 -31.75 -3.47 -8.40
C SER B 282 -31.94 -4.91 -7.96
N ASN B 283 -30.93 -5.47 -7.29
CA ASN B 283 -30.99 -6.86 -6.85
C ASN B 283 -31.45 -6.93 -5.38
N GLY B 284 -31.93 -5.80 -4.84
CA GLY B 284 -32.45 -5.70 -3.48
C GLY B 284 -31.72 -4.67 -2.62
N VAL B 285 -31.92 -4.75 -1.31
CA VAL B 285 -31.23 -3.89 -0.36
C VAL B 285 -29.83 -4.44 -0.09
N GLU B 286 -28.84 -3.56 -0.12
CA GLU B 286 -27.45 -3.92 0.15
C GLU B 286 -26.91 -3.01 1.24
N VAL B 287 -26.04 -3.55 2.10
CA VAL B 287 -25.41 -2.79 3.17
C VAL B 287 -23.89 -2.92 3.09
N VAL B 288 -23.18 -2.08 3.83
CA VAL B 288 -21.73 -2.18 3.89
C VAL B 288 -21.41 -3.32 4.89
N THR B 289 -20.95 -4.43 4.32
CA THR B 289 -20.68 -5.61 5.11
C THR B 289 -19.27 -5.61 5.71
N ASN B 290 -18.34 -4.96 5.03
CA ASN B 290 -16.93 -5.02 5.47
C ASN B 290 -16.04 -3.90 4.98
N ILE B 291 -14.94 -3.70 5.69
CA ILE B 291 -13.92 -2.69 5.43
C ILE B 291 -12.58 -3.40 5.35
N GLU B 292 -11.81 -3.13 4.31
CA GLU B 292 -10.48 -3.70 4.19
C GLU B 292 -9.66 -2.79 3.26
N MET B 293 -8.56 -3.32 2.70
CA MET B 293 -7.59 -2.44 2.00
C MET B 293 -7.30 -2.74 0.54
N GLU B 294 -7.96 -3.73 -0.06
CA GLU B 294 -7.61 -4.12 -1.45
C GLU B 294 -8.74 -4.19 -2.47
N THR B 295 -9.96 -4.44 -2.02
CA THR B 295 -11.02 -4.93 -2.91
C THR B 295 -11.49 -3.96 -3.97
N SER B 296 -11.59 -2.66 -3.66
CA SER B 296 -12.07 -1.71 -4.66
C SER B 296 -11.24 -1.73 -5.92
N ALA B 297 -9.92 -1.66 -5.77
CA ALA B 297 -9.03 -1.67 -6.94
C ALA B 297 -9.02 -3.03 -7.64
N ILE B 298 -9.10 -4.12 -6.86
CA ILE B 298 -9.19 -5.44 -7.49
C ILE B 298 -10.39 -5.43 -8.43
N CYS B 299 -11.54 -4.98 -7.94
CA CYS B 299 -12.74 -5.04 -8.75
C CYS B 299 -12.67 -4.08 -9.93
N TYR B 300 -12.20 -2.87 -9.66
CA TYR B 300 -12.19 -1.82 -10.67
C TYR B 300 -11.21 -2.13 -11.80
N LEU B 301 -9.98 -2.45 -11.42
CA LEU B 301 -8.95 -2.69 -12.42
C LEU B 301 -9.20 -3.99 -13.18
N SER B 302 -9.69 -5.02 -12.50
CA SER B 302 -9.96 -6.28 -13.22
C SER B 302 -11.09 -6.11 -14.21
N ASP B 303 -12.17 -5.47 -13.78
CA ASP B 303 -13.30 -5.19 -14.69
C ASP B 303 -12.82 -4.38 -15.90
N MET B 304 -11.93 -3.42 -15.67
CA MET B 304 -11.40 -2.61 -16.75
C MET B 304 -10.71 -3.47 -17.79
N LEU B 305 -10.03 -4.52 -17.32
CA LEU B 305 -9.31 -5.44 -18.21
C LEU B 305 -10.22 -6.52 -18.80
N GLY B 306 -11.42 -6.65 -18.27
CA GLY B 306 -12.31 -7.74 -18.68
C GLY B 306 -12.08 -9.05 -17.93
N TYR B 307 -11.26 -9.01 -16.89
CA TYR B 307 -11.01 -10.20 -16.07
C TYR B 307 -12.10 -10.34 -15.03
N GLN B 308 -12.48 -11.57 -14.71
CA GLN B 308 -13.53 -11.78 -13.71
C GLN B 308 -12.93 -11.80 -12.32
N ALA B 309 -13.38 -10.91 -11.42
CA ALA B 309 -12.76 -10.80 -10.11
C ALA B 309 -13.77 -10.59 -9.00
N GLY B 310 -13.33 -10.92 -7.80
CA GLY B 310 -14.10 -10.62 -6.62
C GLY B 310 -13.29 -10.86 -5.37
N ALA B 311 -13.99 -10.89 -4.25
CA ALA B 311 -13.35 -10.97 -2.93
C ALA B 311 -14.26 -11.57 -1.89
N ALA B 312 -13.64 -12.23 -0.93
CA ALA B 312 -14.33 -12.77 0.23
C ALA B 312 -13.35 -12.65 1.39
N CYS B 313 -13.78 -12.04 2.49
CA CYS B 313 -12.87 -11.79 3.59
C CYS B 313 -13.46 -12.22 4.91
N VAL B 314 -12.62 -12.83 5.75
CA VAL B 314 -13.06 -13.29 7.06
C VAL B 314 -13.10 -12.08 8.00
N VAL B 315 -14.22 -11.93 8.71
CA VAL B 315 -14.40 -10.80 9.60
C VAL B 315 -13.61 -11.03 10.89
N VAL B 316 -12.50 -10.29 11.05
CA VAL B 316 -11.61 -10.42 12.23
C VAL B 316 -11.69 -9.25 13.22
N SER B 317 -12.37 -8.18 12.82
CA SER B 317 -12.58 -6.99 13.65
CA SER B 317 -12.60 -7.02 13.68
C SER B 317 -14.07 -6.62 13.61
N LYS B 318 -14.75 -6.67 14.75
CA LYS B 318 -16.10 -6.14 14.81
C LYS B 318 -15.95 -4.76 15.40
N ARG B 319 -16.31 -3.76 14.59
CA ARG B 319 -16.10 -2.38 14.92
C ARG B 319 -17.31 -1.81 15.66
N VAL B 320 -18.38 -2.60 15.70
CA VAL B 320 -19.61 -2.25 16.43
C VAL B 320 -20.05 -3.48 17.24
N GLY B 321 -20.85 -3.26 18.28
CA GLY B 321 -21.36 -4.35 19.13
C GLY B 321 -20.26 -5.03 19.93
N GLU B 322 -19.76 -6.15 19.41
CA GLU B 322 -18.67 -6.88 20.07
C GLU B 322 -17.52 -5.95 20.44
N LYS B 323 -17.11 -5.12 19.47
CA LYS B 323 -15.94 -4.26 19.61
C LYS B 323 -14.76 -5.08 20.12
N LYS B 324 -14.41 -6.10 19.33
CA LYS B 324 -13.34 -7.03 19.64
C LYS B 324 -12.63 -7.46 18.35
N MET B 325 -11.42 -8.00 18.52
CA MET B 325 -10.70 -8.68 17.44
C MET B 325 -10.86 -10.18 17.62
N PHE B 326 -10.74 -10.92 16.52
CA PHE B 326 -10.88 -12.38 16.53
C PHE B 326 -9.72 -13.01 15.77
N LEU B 327 -8.58 -13.10 16.44
CA LEU B 327 -7.37 -13.69 15.86
C LEU B 327 -7.10 -15.02 16.55
N GLY B 328 -5.98 -15.66 16.20
CA GLY B 328 -5.59 -16.91 16.82
C GLY B 328 -6.29 -18.13 16.22
N ASP B 329 -6.52 -19.14 17.06
CA ASP B 329 -7.00 -20.46 16.59
C ASP B 329 -8.35 -20.39 15.90
N GLN B 330 -9.25 -19.58 16.45
CA GLN B 330 -10.58 -19.35 15.87
C GLN B 330 -10.50 -18.85 14.42
N LEU B 331 -9.59 -17.92 14.18
CA LEU B 331 -9.31 -17.42 12.84
C LEU B 331 -8.74 -18.54 11.99
N ASP B 332 -7.77 -19.28 12.53
CA ASP B 332 -7.14 -20.36 11.75
C ASP B 332 -8.18 -21.35 11.27
N ALA B 333 -9.12 -21.72 12.13
CA ALA B 333 -10.17 -22.68 11.77
C ALA B 333 -11.09 -22.12 10.68
N ALA B 334 -11.48 -20.86 10.80
CA ALA B 334 -12.33 -20.22 9.81
C ALA B 334 -11.57 -20.10 8.51
N MET B 335 -10.30 -19.73 8.59
CA MET B 335 -9.53 -19.55 7.34
C MET B 335 -9.36 -20.88 6.61
N LYS B 336 -9.17 -21.98 7.35
CA LYS B 336 -9.09 -23.29 6.70
C LYS B 336 -10.36 -23.62 5.93
N ARG B 337 -11.53 -23.43 6.55
CA ARG B 337 -12.77 -23.62 5.83
C ARG B 337 -12.83 -22.76 4.59
N CYS B 338 -12.47 -21.49 4.74
CA CYS B 338 -12.67 -20.54 3.67
C CYS B 338 -11.71 -20.75 2.52
N ILE B 339 -10.52 -21.26 2.81
CA ILE B 339 -9.57 -21.62 1.76
C ILE B 339 -10.18 -22.68 0.82
N LYS B 340 -10.74 -23.72 1.40
CA LYS B 340 -11.35 -24.78 0.60
C LYS B 340 -12.53 -24.21 -0.19
N ILE B 341 -13.36 -23.38 0.44
CA ILE B 341 -14.51 -22.78 -0.22
C ILE B 341 -14.07 -21.97 -1.42
N ILE B 342 -13.03 -21.14 -1.24
CA ILE B 342 -12.57 -20.29 -2.34
C ILE B 342 -11.92 -21.11 -3.46
N LEU B 343 -11.11 -22.11 -3.12
CA LEU B 343 -10.61 -23.02 -4.15
C LEU B 343 -11.74 -23.66 -4.95
N GLU B 344 -12.79 -24.14 -4.27
CA GLU B 344 -13.94 -24.71 -4.94
C GLU B 344 -14.59 -23.67 -5.86
N ALA B 345 -14.78 -22.47 -5.33
CA ALA B 345 -15.43 -21.40 -6.09
C ALA B 345 -14.59 -21.08 -7.31
N LEU B 346 -13.28 -21.00 -7.12
CA LEU B 346 -12.38 -20.58 -8.18
C LEU B 346 -12.35 -21.55 -9.37
N VAL B 347 -12.33 -22.84 -9.08
CA VAL B 347 -12.28 -23.81 -10.16
C VAL B 347 -13.65 -24.05 -10.81
N SER B 348 -14.72 -23.64 -10.12
CA SER B 348 -16.08 -23.76 -10.65
CA SER B 348 -16.07 -23.76 -10.66
C SER B 348 -16.45 -22.53 -11.49
N ALA B 349 -15.71 -21.43 -11.33
CA ALA B 349 -16.08 -20.19 -11.99
C ALA B 349 -16.03 -20.34 -13.50
C5 R1P C . 8.24 0.16 -5.72
O5 R1P C . 9.11 -0.65 -6.52
C4 R1P C . 8.84 0.42 -4.36
O4 R1P C . 10.19 0.91 -4.46
C1 R1P C . 10.31 2.19 -3.85
C2 R1P C . 8.88 2.75 -3.88
O2 R1P C . 8.59 3.87 -3.02
C3 R1P C . 8.07 1.48 -3.59
O3 R1P C . 8.08 1.13 -2.19
O1 R1P C . 10.93 2.15 -2.51
P R1P C . 11.61 0.91 -1.75
O1P R1P C . 10.39 -0.01 -1.58
O2P R1P C . 12.12 1.51 -0.46
O3P R1P C . 12.66 0.28 -2.63
N1 URA D . 10.08 3.29 -7.29
C2 URA D . 8.97 3.93 -7.71
O2 URA D . 7.95 4.07 -6.95
N3 URA D . 8.91 4.41 -8.95
C4 URA D . 9.95 4.27 -9.79
O4 URA D . 9.84 4.76 -10.93
C5 URA D . 11.09 3.61 -9.39
C6 URA D . 11.13 3.11 -8.10
C5 R1P E . -4.48 -5.24 7.26
O5 R1P E . -4.13 -5.93 8.46
C4 R1P E . -4.45 -6.21 6.09
O4 R1P E . -5.33 -7.33 6.31
C1 R1P E . -6.38 -7.40 5.34
C2 R1P E . -6.41 -5.97 4.79
O2 R1P E . -7.09 -5.84 3.53
C3 R1P E . -4.93 -5.58 4.79
O3 R1P E . -4.21 -6.15 3.69
O1 R1P E . -6.20 -8.48 4.35
P R1P E . -5.08 -9.67 4.36
O1P R1P E . -3.80 -8.81 4.19
O2P R1P E . -5.37 -10.53 3.14
O3P R1P E . -5.26 -10.36 5.67
N1 URA F . -8.21 -5.65 7.90
C2 URA F . -8.62 -4.38 7.72
O2 URA F . -8.22 -3.75 6.71
N3 URA F . -9.43 -3.79 8.61
C4 URA F . -9.85 -4.44 9.70
O4 URA F . -10.60 -3.83 10.51
C5 URA F . -9.40 -5.76 9.91
C6 URA F . -8.58 -6.33 8.98
CA CA G . 0.53 -0.67 0.15
#